data_5H2W
#
_entry.id   5H2W
#
_cell.length_a   52.610
_cell.length_b   63.540
_cell.length_c   80.910
_cell.angle_alpha   106.09
_cell.angle_beta   107.72
_cell.angle_gamma   90.50
#
_symmetry.space_group_name_H-M   'P 1'
#
loop_
_entity.id
_entity.type
_entity.pdbx_description
1 polymer 'Importin subunit alpha'
2 polymer 'Ubiquitin-like-specific protease 1'
3 water water
#
loop_
_entity_poly.entity_id
_entity_poly.type
_entity_poly.pdbx_seq_one_letter_code
_entity_poly.pdbx_strand_id
1 'polypeptide(L)'
;ELPQMTQQLNSDDMQEQLSATVKFRQILSREHRPPIDVVIQAGVVPRLVEFMRENQPEMLQLEAAWALTNIASGTSAQTK
VVVDADAVPLFIQLLYTGSVEVKEQAIWALGNVAGDSTDYRDYVLQCNAMEPILGLFNSNKPSLIRTATWTLSNLCRGKK
PQPDWSVVSQALPTLAKLIYSMDTETLVDACWAISYLSDGPQEAIQAVIDVRIPKRLVELLSHESTLVQTPALRAVGNIV
TGNDLQTQVVINAGVLPALRLLLSSPKENIKKEACWTISNITAGNTEQIQAVIDANLIPPLVKLLEVAEYKTKKEACWAI
SNASSGGLQRPDIIRYLVSQGCIKPLCDLLEIADNRIIEVTLDALENILKMGEADKEARGLNINENADFIEKAGGMEKIF
NCQQNENDKIYEKAYKIIETYFG
;
A,C
2 'polypeptide(L)'
;SSDTRKHKFDTSTWALPNKRRRIESEGVGTPSTSPISSLASQKSNCDSDNSITFSRDPFGWNKWKTSAIGSNSENNTSDQ
KNSYDRRQYGTAFIRKKKVAKQNINNTKLVSRAQSEEVTYLRQIFNGEYKVPKILKEERERQLKLMDMDKEKDTGLKKSI
IDLTEKIKTILIENNKNRLQTRNENDDDLVF
;
B,D
#
# COMPACT_ATOMS: atom_id res chain seq x y z
N LEU A 2 28.30 -49.64 0.06
CA LEU A 2 27.97 -48.54 0.96
C LEU A 2 28.31 -48.80 2.44
N PRO A 3 28.03 -50.02 2.95
CA PRO A 3 28.40 -50.27 4.36
C PRO A 3 29.89 -50.12 4.64
N GLN A 4 30.74 -50.45 3.69
CA GLN A 4 32.18 -50.32 3.86
C GLN A 4 32.60 -48.86 3.75
N MET A 5 31.90 -48.12 2.88
CA MET A 5 32.14 -46.69 2.72
C MET A 5 31.78 -45.93 3.99
N THR A 6 30.67 -46.32 4.61
CA THR A 6 30.20 -45.68 5.84
C THR A 6 31.17 -45.91 6.99
N GLN A 7 31.62 -47.16 7.14
CA GLN A 7 32.58 -47.51 8.17
C GLN A 7 33.90 -46.80 7.92
N GLN A 8 34.29 -46.72 6.65
CA GLN A 8 35.51 -46.03 6.25
C GLN A 8 35.43 -44.54 6.57
N LEU A 9 34.21 -44.00 6.51
CA LEU A 9 33.99 -42.58 6.77
C LEU A 9 34.07 -42.26 8.26
N ASN A 10 33.67 -43.23 9.09
CA ASN A 10 33.63 -43.02 10.53
C ASN A 10 34.94 -43.42 11.19
N SER A 11 35.94 -43.65 10.35
CA SER A 11 37.30 -43.88 10.82
C SER A 11 37.85 -42.66 11.56
N ASP A 12 39.07 -42.78 12.12
CA ASP A 12 39.76 -41.63 12.62
C ASP A 12 41.08 -41.52 11.86
N ASP A 13 41.36 -42.56 11.10
CA ASP A 13 42.37 -42.46 10.06
C ASP A 13 41.87 -41.40 9.09
N MET A 14 42.69 -40.40 8.83
CA MET A 14 42.26 -39.23 8.06
C MET A 14 42.42 -39.46 6.56
N GLN A 15 43.47 -40.21 6.20
CA GLN A 15 43.63 -40.75 4.85
C GLN A 15 42.32 -41.38 4.40
N GLU A 16 41.79 -42.22 5.29
CA GLU A 16 40.63 -43.04 5.01
C GLU A 16 39.36 -42.19 4.96
N GLN A 17 39.26 -41.22 5.85
CA GLN A 17 38.13 -40.29 5.90
C GLN A 17 38.02 -39.56 4.57
N LEU A 18 39.17 -39.11 4.06
CA LEU A 18 39.23 -38.39 2.80
C LEU A 18 38.87 -39.33 1.65
N SER A 19 39.35 -40.58 1.75
CA SER A 19 39.08 -41.58 0.74
C SER A 19 37.59 -41.90 0.66
N ALA A 20 36.96 -42.01 1.83
CA ALA A 20 35.53 -42.33 1.89
C ALA A 20 34.68 -41.16 1.43
N THR A 21 35.07 -39.96 1.83
CA THR A 21 34.34 -38.74 1.44
C THR A 21 34.34 -38.57 -0.07
N VAL A 22 35.51 -38.80 -0.68
CA VAL A 22 35.65 -38.73 -2.13
C VAL A 22 34.74 -39.74 -2.81
N LYS A 23 34.72 -40.96 -2.29
CA LYS A 23 33.84 -42.00 -2.81
C LYS A 23 32.38 -41.62 -2.67
N PHE A 24 32.01 -41.01 -1.55
CA PHE A 24 30.66 -40.50 -1.34
C PHE A 24 30.36 -39.37 -2.32
N ARG A 25 31.37 -38.56 -2.60
CA ARG A 25 31.21 -37.45 -3.52
C ARG A 25 30.96 -37.96 -4.93
N GLN A 26 31.74 -38.96 -5.34
CA GLN A 26 31.65 -39.52 -6.68
C GLN A 26 30.26 -40.11 -6.98
N ILE A 27 29.70 -40.82 -6.01
CA ILE A 27 28.40 -41.46 -6.20
C ILE A 27 27.28 -40.44 -6.17
N LEU A 28 27.47 -39.36 -5.42
CA LEU A 28 26.53 -38.26 -5.42
C LEU A 28 26.75 -37.40 -6.67
N SER A 29 27.85 -37.67 -7.37
CA SER A 29 28.19 -36.95 -8.60
C SER A 29 28.07 -37.86 -9.82
N ARG A 30 27.41 -38.99 -9.64
CA ARG A 30 27.08 -39.88 -10.76
C ARG A 30 26.21 -39.13 -11.76
N GLU A 31 26.50 -39.31 -13.05
CA GLU A 31 25.86 -38.52 -14.10
C GLU A 31 24.37 -38.80 -14.26
N HIS A 32 23.90 -39.93 -13.75
CA HIS A 32 22.47 -40.19 -13.69
C HIS A 32 22.08 -40.85 -12.37
N ARG A 33 20.91 -40.48 -11.86
CA ARG A 33 20.33 -41.12 -10.68
C ARG A 33 21.23 -41.09 -9.46
N PRO A 34 21.40 -39.90 -8.85
CA PRO A 34 22.21 -39.81 -7.64
C PRO A 34 21.49 -40.43 -6.43
N PRO A 35 22.12 -41.42 -5.81
CA PRO A 35 21.56 -42.17 -4.67
C PRO A 35 21.54 -41.34 -3.39
N ILE A 36 20.83 -40.22 -3.40
CA ILE A 36 20.86 -39.30 -2.28
C ILE A 36 20.26 -39.89 -0.98
N ASP A 37 19.14 -40.61 -1.11
CA ASP A 37 18.43 -41.12 0.06
C ASP A 37 19.08 -42.35 0.69
N VAL A 38 19.76 -43.18 -0.09
CA VAL A 38 20.51 -44.27 0.50
C VAL A 38 21.74 -43.72 1.22
N VAL A 39 22.22 -42.56 0.77
CA VAL A 39 23.30 -41.87 1.44
C VAL A 39 22.79 -41.26 2.74
N ILE A 40 21.61 -40.66 2.67
CA ILE A 40 20.96 -40.09 3.85
C ILE A 40 20.64 -41.19 4.87
N GLN A 41 20.14 -42.31 4.38
CA GLN A 41 19.78 -43.44 5.23
C GLN A 41 21.01 -44.08 5.87
N ALA A 42 22.18 -43.83 5.30
CA ALA A 42 23.43 -44.31 5.87
C ALA A 42 23.77 -43.53 7.13
N GLY A 43 23.09 -42.40 7.33
CA GLY A 43 23.28 -41.56 8.49
C GLY A 43 24.61 -40.85 8.50
N VAL A 44 25.17 -40.63 7.31
CA VAL A 44 26.52 -40.07 7.19
C VAL A 44 26.54 -38.56 7.07
N VAL A 45 25.37 -37.95 6.94
CA VAL A 45 25.27 -36.50 6.74
C VAL A 45 25.86 -35.69 7.90
N PRO A 46 25.52 -36.02 9.16
CA PRO A 46 26.17 -35.26 10.24
C PRO A 46 27.69 -35.43 10.26
N ARG A 47 28.17 -36.60 9.84
CA ARG A 47 29.60 -36.89 9.78
C ARG A 47 30.27 -36.02 8.71
N LEU A 48 29.60 -35.84 7.58
CA LEU A 48 30.11 -35.00 6.50
C LEU A 48 30.20 -33.54 6.94
N VAL A 49 29.24 -33.12 7.75
CA VAL A 49 29.21 -31.76 8.28
C VAL A 49 30.38 -31.54 9.23
N GLU A 50 30.74 -32.59 9.97
CA GLU A 50 31.93 -32.57 10.81
C GLU A 50 33.19 -32.28 10.01
N PHE A 51 33.23 -32.75 8.77
CA PHE A 51 34.42 -32.62 7.94
C PHE A 51 34.58 -31.21 7.41
N MET A 52 33.58 -30.36 7.62
CA MET A 52 33.62 -28.99 7.14
C MET A 52 34.01 -27.98 8.21
N ARG A 53 34.14 -28.45 9.45
CA ARG A 53 34.48 -27.56 10.56
C ARG A 53 35.87 -26.98 10.39
N GLU A 54 36.14 -25.89 11.11
CA GLU A 54 37.49 -25.34 11.16
C GLU A 54 38.46 -26.40 11.66
N ASN A 55 39.72 -26.25 11.28
CA ASN A 55 40.82 -27.19 11.61
C ASN A 55 40.79 -28.53 10.87
N GLN A 56 39.90 -28.66 9.89
CA GLN A 56 39.91 -29.86 9.03
C GLN A 56 40.85 -29.60 7.85
N PRO A 57 41.46 -30.66 7.30
CA PRO A 57 42.21 -30.50 6.05
C PRO A 57 41.29 -29.95 4.96
N GLU A 58 41.76 -28.96 4.20
CA GLU A 58 40.89 -28.26 3.25
C GLU A 58 40.40 -29.16 2.12
N MET A 59 41.16 -30.20 1.82
CA MET A 59 40.75 -31.17 0.82
C MET A 59 39.54 -31.95 1.33
N LEU A 60 39.51 -32.20 2.64
CA LEU A 60 38.40 -32.91 3.26
C LEU A 60 37.17 -32.00 3.33
N GLN A 61 37.39 -30.73 3.64
CA GLN A 61 36.32 -29.73 3.65
C GLN A 61 35.70 -29.60 2.27
N LEU A 62 36.56 -29.57 1.25
CA LEU A 62 36.12 -29.43 -0.14
C LEU A 62 35.24 -30.60 -0.58
N GLU A 63 35.72 -31.81 -0.34
CA GLU A 63 35.00 -33.01 -0.73
C GLU A 63 33.70 -33.18 0.05
N ALA A 64 33.72 -32.81 1.33
CA ALA A 64 32.53 -32.89 2.17
C ALA A 64 31.48 -31.89 1.69
N ALA A 65 31.90 -30.65 1.47
CA ALA A 65 31.01 -29.59 1.01
C ALA A 65 30.41 -29.94 -0.34
N TRP A 66 31.19 -30.62 -1.17
CA TRP A 66 30.76 -31.05 -2.49
C TRP A 66 29.65 -32.10 -2.36
N ALA A 67 29.86 -33.08 -1.49
CA ALA A 67 28.88 -34.13 -1.26
C ALA A 67 27.59 -33.56 -0.69
N LEU A 68 27.71 -32.65 0.27
CA LEU A 68 26.55 -32.03 0.90
C LEU A 68 25.82 -31.11 -0.08
N THR A 69 26.58 -30.51 -1.00
CA THR A 69 26.00 -29.65 -2.03
C THR A 69 25.00 -30.42 -2.89
N ASN A 70 25.40 -31.61 -3.31
CA ASN A 70 24.58 -32.42 -4.20
C ASN A 70 23.39 -33.05 -3.48
N ILE A 71 23.56 -33.36 -2.19
CA ILE A 71 22.45 -33.85 -1.38
C ILE A 71 21.40 -32.75 -1.25
N ALA A 72 21.87 -31.52 -1.09
CA ALA A 72 20.99 -30.37 -0.98
C ALA A 72 20.37 -30.00 -2.33
N SER A 73 20.91 -30.54 -3.40
CA SER A 73 20.41 -30.26 -4.75
C SER A 73 19.20 -31.13 -5.09
N GLY A 74 18.85 -32.02 -4.17
CA GLY A 74 17.74 -32.94 -4.40
C GLY A 74 16.40 -32.35 -4.02
N THR A 75 15.50 -33.20 -3.52
CA THR A 75 14.17 -32.77 -3.12
C THR A 75 14.24 -31.89 -1.87
N SER A 76 13.11 -31.29 -1.51
CA SER A 76 13.03 -30.43 -0.34
C SER A 76 13.31 -31.20 0.94
N ALA A 77 12.86 -32.46 0.97
CA ALA A 77 13.09 -33.32 2.12
C ALA A 77 14.57 -33.65 2.27
N GLN A 78 15.25 -33.83 1.14
CA GLN A 78 16.67 -34.12 1.14
C GLN A 78 17.49 -32.89 1.53
N THR A 79 17.04 -31.72 1.08
CA THR A 79 17.66 -30.46 1.46
C THR A 79 17.51 -30.24 2.97
N LYS A 80 16.37 -30.65 3.50
CA LYS A 80 16.05 -30.48 4.92
C LYS A 80 17.05 -31.23 5.81
N VAL A 81 17.47 -32.40 5.36
CA VAL A 81 18.43 -33.21 6.10
C VAL A 81 19.75 -32.45 6.29
N VAL A 82 20.20 -31.77 5.25
CA VAL A 82 21.43 -30.99 5.31
C VAL A 82 21.26 -29.79 6.25
N VAL A 83 20.12 -29.11 6.14
CA VAL A 83 19.83 -27.95 6.96
C VAL A 83 19.70 -28.32 8.43
N ASP A 84 19.00 -29.43 8.71
CA ASP A 84 18.80 -29.89 10.08
C ASP A 84 20.09 -30.38 10.72
N ALA A 85 21.08 -30.65 9.88
CA ALA A 85 22.41 -31.05 10.37
C ALA A 85 23.25 -29.80 10.65
N ASP A 86 22.62 -28.63 10.57
CA ASP A 86 23.29 -27.38 10.89
C ASP A 86 24.51 -27.17 10.01
N ALA A 87 24.38 -27.45 8.72
CA ALA A 87 25.52 -27.30 7.81
C ALA A 87 25.66 -25.85 7.34
N VAL A 88 24.55 -25.11 7.33
CA VAL A 88 24.53 -23.74 6.82
C VAL A 88 25.51 -22.78 7.51
N PRO A 89 25.55 -22.77 8.87
CA PRO A 89 26.54 -21.87 9.48
C PRO A 89 27.98 -22.22 9.12
N LEU A 90 28.25 -23.50 8.85
CA LEU A 90 29.58 -23.94 8.49
C LEU A 90 29.92 -23.58 7.05
N PHE A 91 28.91 -23.65 6.17
CA PHE A 91 29.06 -23.18 4.80
C PHE A 91 29.52 -21.73 4.78
N ILE A 92 28.86 -20.92 5.60
CA ILE A 92 29.15 -19.49 5.70
C ILE A 92 30.54 -19.25 6.30
N GLN A 93 30.90 -20.07 7.28
CA GLN A 93 32.22 -19.98 7.89
C GLN A 93 33.31 -20.24 6.85
N LEU A 94 33.03 -21.16 5.94
CA LEU A 94 33.96 -21.52 4.87
C LEU A 94 34.14 -20.38 3.87
N LEU A 95 33.18 -19.47 3.82
CA LEU A 95 33.27 -18.31 2.94
C LEU A 95 34.34 -17.33 3.43
N TYR A 96 34.71 -17.46 4.70
CA TYR A 96 35.77 -16.65 5.28
C TYR A 96 37.14 -17.35 5.16
N THR A 97 37.15 -18.62 5.54
CA THR A 97 38.40 -19.34 5.78
C THR A 97 38.89 -20.15 4.58
N GLY A 98 37.96 -20.49 3.70
CA GLY A 98 38.26 -21.40 2.59
C GLY A 98 39.20 -20.88 1.54
N SER A 99 39.55 -21.73 0.58
CA SER A 99 40.21 -21.28 -0.64
C SER A 99 39.13 -20.92 -1.65
N VAL A 100 39.54 -20.51 -2.85
CA VAL A 100 38.58 -20.17 -3.90
C VAL A 100 37.78 -21.41 -4.30
N GLU A 101 38.41 -22.59 -4.23
CA GLU A 101 37.74 -23.85 -4.54
C GLU A 101 36.75 -24.24 -3.46
N VAL A 102 37.15 -24.08 -2.20
CA VAL A 102 36.27 -24.37 -1.07
C VAL A 102 35.14 -23.34 -0.99
N LYS A 103 35.47 -22.08 -1.26
CA LYS A 103 34.49 -21.01 -1.21
C LYS A 103 33.42 -21.15 -2.30
N GLU A 104 33.84 -21.58 -3.50
CA GLU A 104 32.89 -21.79 -4.57
C GLU A 104 31.98 -22.96 -4.23
N GLN A 105 32.54 -23.95 -3.53
CA GLN A 105 31.75 -25.08 -3.09
C GLN A 105 30.74 -24.68 -2.03
N ALA A 106 31.18 -23.88 -1.07
CA ALA A 106 30.33 -23.44 0.02
C ALA A 106 29.18 -22.57 -0.48
N ILE A 107 29.48 -21.65 -1.38
CA ILE A 107 28.48 -20.74 -1.91
C ILE A 107 27.50 -21.50 -2.81
N TRP A 108 27.99 -22.58 -3.43
CA TRP A 108 27.16 -23.44 -4.26
C TRP A 108 26.12 -24.13 -3.39
N ALA A 109 26.58 -24.69 -2.28
CA ALA A 109 25.70 -25.36 -1.33
C ALA A 109 24.62 -24.42 -0.79
N LEU A 110 25.04 -23.20 -0.44
CA LEU A 110 24.12 -22.20 0.07
C LEU A 110 23.10 -21.81 -0.99
N GLY A 111 23.51 -21.91 -2.26
CA GLY A 111 22.62 -21.62 -3.37
C GLY A 111 21.50 -22.63 -3.47
N ASN A 112 21.82 -23.90 -3.25
CA ASN A 112 20.82 -24.96 -3.25
C ASN A 112 19.88 -24.86 -2.06
N VAL A 113 20.42 -24.50 -0.90
CA VAL A 113 19.61 -24.31 0.29
C VAL A 113 18.65 -23.15 0.10
N ALA A 114 19.20 -22.01 -0.31
CA ALA A 114 18.39 -20.81 -0.55
C ALA A 114 17.39 -21.03 -1.67
N GLY A 115 17.74 -21.87 -2.64
CA GLY A 115 16.91 -22.11 -3.80
C GLY A 115 15.80 -23.12 -3.56
N ASP A 116 15.66 -23.56 -2.31
CA ASP A 116 14.65 -24.55 -1.97
C ASP A 116 13.30 -23.92 -1.69
N SER A 117 13.29 -22.93 -0.80
CA SER A 117 12.06 -22.29 -0.38
C SER A 117 12.34 -20.94 0.26
N THR A 118 11.28 -20.19 0.58
CA THR A 118 11.44 -18.89 1.21
C THR A 118 11.92 -19.04 2.64
N ASP A 119 11.56 -20.16 3.28
CA ASP A 119 12.02 -20.45 4.63
C ASP A 119 13.54 -20.57 4.69
N TYR A 120 14.09 -21.40 3.81
CA TYR A 120 15.53 -21.64 3.80
C TYR A 120 16.27 -20.45 3.22
N ARG A 121 15.64 -19.74 2.30
CA ARG A 121 16.19 -18.50 1.77
C ARG A 121 16.41 -17.50 2.89
N ASP A 122 15.35 -17.29 3.68
CA ASP A 122 15.42 -16.36 4.81
C ASP A 122 16.36 -16.88 5.88
N TYR A 123 16.34 -18.20 6.11
CA TYR A 123 17.22 -18.82 7.10
C TYR A 123 18.69 -18.55 6.83
N VAL A 124 19.08 -18.70 5.56
CA VAL A 124 20.45 -18.41 5.15
C VAL A 124 20.79 -16.96 5.44
N LEU A 125 19.81 -16.07 5.23
CA LEU A 125 20.03 -14.65 5.43
C LEU A 125 20.14 -14.27 6.91
N GLN A 126 19.34 -14.89 7.79
CA GLN A 126 19.45 -14.54 9.22
C GLN A 126 20.64 -15.24 9.85
N CYS A 127 21.28 -16.13 9.11
CA CYS A 127 22.55 -16.70 9.54
C CYS A 127 23.70 -15.77 9.13
N ASN A 128 23.33 -14.57 8.69
CA ASN A 128 24.28 -13.52 8.33
C ASN A 128 25.20 -13.93 7.20
N ALA A 129 24.62 -14.41 6.09
CA ALA A 129 25.41 -14.91 4.98
C ALA A 129 25.73 -13.81 3.97
N MET A 130 24.94 -12.74 3.97
CA MET A 130 25.05 -11.71 2.95
C MET A 130 26.42 -11.03 2.90
N GLU A 131 26.96 -10.67 4.06
CA GLU A 131 28.23 -9.95 4.10
C GLU A 131 29.41 -10.75 3.58
N PRO A 132 29.59 -12.01 4.03
CA PRO A 132 30.71 -12.75 3.42
C PRO A 132 30.48 -13.07 1.96
N ILE A 133 29.22 -13.20 1.54
CA ILE A 133 28.89 -13.48 0.15
C ILE A 133 29.28 -12.31 -0.75
N LEU A 134 28.95 -11.10 -0.32
CA LEU A 134 29.30 -9.90 -1.07
C LEU A 134 30.81 -9.74 -1.17
N GLY A 135 31.52 -10.22 -0.16
CA GLY A 135 32.98 -10.14 -0.13
C GLY A 135 33.63 -11.02 -1.19
N LEU A 136 32.89 -12.01 -1.66
CA LEU A 136 33.41 -12.94 -2.66
C LEU A 136 33.61 -12.29 -4.03
N PHE A 137 32.89 -11.20 -4.28
CA PHE A 137 32.89 -10.59 -5.60
C PHE A 137 34.13 -9.72 -5.86
N ASN A 138 35.08 -9.77 -4.94
CA ASN A 138 36.39 -9.15 -5.14
C ASN A 138 37.36 -10.16 -5.72
N SER A 139 36.86 -11.35 -6.00
CA SER A 139 37.68 -12.42 -6.57
C SER A 139 38.07 -12.14 -8.03
N ASN A 140 39.16 -12.78 -8.46
CA ASN A 140 39.57 -12.81 -9.86
C ASN A 140 39.23 -14.14 -10.50
N LYS A 141 38.39 -14.92 -9.82
CA LYS A 141 37.94 -16.21 -10.33
C LYS A 141 36.55 -16.09 -10.93
N PRO A 142 36.46 -16.24 -12.26
CA PRO A 142 35.18 -16.16 -12.97
C PRO A 142 34.15 -17.18 -12.46
N SER A 143 34.57 -18.42 -12.25
CA SER A 143 33.66 -19.48 -11.83
C SER A 143 33.12 -19.24 -10.43
N LEU A 144 33.96 -18.70 -9.54
CA LEU A 144 33.53 -18.36 -8.19
C LEU A 144 32.48 -17.27 -8.22
N ILE A 145 32.71 -16.26 -9.05
CA ILE A 145 31.78 -15.14 -9.18
C ILE A 145 30.49 -15.59 -9.90
N ARG A 146 30.63 -16.45 -10.89
CA ARG A 146 29.47 -17.00 -11.59
C ARG A 146 28.55 -17.76 -10.64
N THR A 147 29.15 -18.58 -9.78
CA THR A 147 28.38 -19.38 -8.83
C THR A 147 27.80 -18.50 -7.73
N ALA A 148 28.58 -17.53 -7.27
CA ALA A 148 28.14 -16.64 -6.21
C ALA A 148 27.00 -15.74 -6.67
N THR A 149 26.99 -15.41 -7.96
CA THR A 149 25.92 -14.59 -8.53
C THR A 149 24.62 -15.37 -8.59
N TRP A 150 24.72 -16.66 -8.92
CA TRP A 150 23.56 -17.54 -8.94
C TRP A 150 22.96 -17.70 -7.55
N THR A 151 23.83 -17.90 -6.57
CA THR A 151 23.40 -18.01 -5.18
C THR A 151 22.76 -16.70 -4.72
N LEU A 152 23.37 -15.59 -5.11
CA LEU A 152 22.89 -14.27 -4.75
C LEU A 152 21.48 -14.02 -5.29
N SER A 153 21.24 -14.50 -6.51
CA SER A 153 19.94 -14.36 -7.14
C SER A 153 18.87 -15.16 -6.40
N ASN A 154 19.26 -16.32 -5.89
CA ASN A 154 18.33 -17.14 -5.11
C ASN A 154 17.97 -16.50 -3.78
N LEU A 155 18.87 -15.66 -3.26
CA LEU A 155 18.62 -14.95 -2.01
C LEU A 155 17.68 -13.78 -2.20
N CYS A 156 17.64 -13.24 -3.42
CA CYS A 156 16.80 -12.09 -3.73
C CYS A 156 15.45 -12.53 -4.26
N ARG A 157 15.33 -13.84 -4.49
CA ARG A 157 14.21 -14.43 -5.20
C ARG A 157 13.04 -14.78 -4.28
N GLY A 158 11.83 -14.81 -4.82
CA GLY A 158 10.66 -15.27 -4.10
C GLY A 158 9.80 -14.18 -3.48
N LYS A 159 8.48 -14.37 -3.56
CA LYS A 159 7.53 -13.47 -2.92
C LYS A 159 6.65 -14.27 -1.96
N LYS A 160 5.86 -13.56 -1.14
CA LYS A 160 5.03 -14.20 -0.11
C LYS A 160 5.81 -15.16 0.78
N PRO A 161 6.71 -14.63 1.64
CA PRO A 161 7.09 -13.22 1.76
C PRO A 161 8.29 -12.85 0.90
N GLN A 162 8.55 -11.55 0.77
CA GLN A 162 9.77 -11.09 0.14
C GLN A 162 10.91 -11.29 1.13
N PRO A 163 12.16 -11.35 0.62
CA PRO A 163 13.27 -11.38 1.57
C PRO A 163 13.43 -10.04 2.29
N ASP A 164 14.05 -10.06 3.46
CA ASP A 164 14.31 -8.85 4.22
C ASP A 164 15.02 -7.83 3.33
N TRP A 165 14.33 -6.73 3.03
CA TRP A 165 14.85 -5.72 2.10
C TRP A 165 16.14 -5.10 2.63
N SER A 166 16.22 -4.88 3.93
CA SER A 166 17.38 -4.25 4.53
C SER A 166 18.65 -5.10 4.34
N VAL A 167 18.45 -6.39 4.11
CA VAL A 167 19.56 -7.29 3.86
C VAL A 167 19.91 -7.39 2.37
N VAL A 168 18.92 -7.76 1.56
CA VAL A 168 19.15 -8.00 0.14
C VAL A 168 19.50 -6.73 -0.65
N SER A 169 19.09 -5.57 -0.14
CA SER A 169 19.35 -4.31 -0.83
C SER A 169 20.83 -3.94 -0.75
N GLN A 170 21.54 -4.56 0.18
CA GLN A 170 22.98 -4.33 0.33
C GLN A 170 23.76 -4.86 -0.87
N ALA A 171 23.11 -5.70 -1.67
CA ALA A 171 23.75 -6.33 -2.81
C ALA A 171 23.73 -5.44 -4.06
N LEU A 172 22.95 -4.36 -3.99
CA LEU A 172 22.72 -3.50 -5.16
C LEU A 172 23.99 -2.87 -5.77
N PRO A 173 24.91 -2.34 -4.94
CA PRO A 173 26.14 -1.84 -5.56
C PRO A 173 26.92 -2.93 -6.30
N THR A 174 26.92 -4.13 -5.74
CA THR A 174 27.60 -5.27 -6.34
C THR A 174 26.92 -5.69 -7.64
N LEU A 175 25.59 -5.78 -7.60
CA LEU A 175 24.81 -6.16 -8.78
C LEU A 175 24.96 -5.14 -9.89
N ALA A 176 25.14 -3.88 -9.51
CA ALA A 176 25.33 -2.79 -10.46
C ALA A 176 26.58 -3.00 -11.29
N LYS A 177 27.62 -3.55 -10.66
CA LYS A 177 28.86 -3.84 -11.36
C LYS A 177 28.75 -5.12 -12.16
N LEU A 178 28.01 -6.08 -11.63
CA LEU A 178 27.92 -7.41 -12.23
C LEU A 178 27.21 -7.42 -13.59
N ILE A 179 26.39 -6.41 -13.85
CA ILE A 179 25.69 -6.35 -15.14
C ILE A 179 26.57 -5.71 -16.22
N TYR A 180 27.84 -5.51 -15.89
CA TYR A 180 28.84 -5.08 -16.87
C TYR A 180 29.78 -6.25 -17.17
N SER A 181 29.44 -7.42 -16.65
CA SER A 181 30.25 -8.62 -16.81
C SER A 181 30.30 -9.12 -18.25
N MET A 182 31.42 -9.76 -18.60
CA MET A 182 31.58 -10.37 -19.92
C MET A 182 31.01 -11.78 -19.93
N ASP A 183 30.88 -12.37 -18.75
CA ASP A 183 30.34 -13.72 -18.61
C ASP A 183 28.81 -13.70 -18.70
N THR A 184 28.27 -14.42 -19.68
CA THR A 184 26.84 -14.43 -19.94
C THR A 184 26.02 -14.97 -18.78
N GLU A 185 26.47 -16.10 -18.22
CA GLU A 185 25.76 -16.73 -17.12
C GLU A 185 25.75 -15.84 -15.87
N THR A 186 26.84 -15.12 -15.65
CA THR A 186 26.91 -14.13 -14.58
C THR A 186 25.93 -13.00 -14.86
N LEU A 187 25.91 -12.57 -16.12
CA LEU A 187 25.03 -11.50 -16.58
C LEU A 187 23.55 -11.83 -16.34
N VAL A 188 23.18 -13.06 -16.68
CA VAL A 188 21.79 -13.49 -16.60
C VAL A 188 21.28 -13.51 -15.16
N ASP A 189 22.00 -14.20 -14.27
CA ASP A 189 21.58 -14.32 -12.88
C ASP A 189 21.63 -12.99 -12.14
N ALA A 190 22.48 -12.09 -12.62
CA ALA A 190 22.56 -10.75 -12.06
C ALA A 190 21.30 -9.96 -12.39
N CYS A 191 20.86 -10.07 -13.64
CA CYS A 191 19.65 -9.37 -14.09
C CYS A 191 18.40 -9.93 -13.44
N TRP A 192 18.39 -11.24 -13.21
CA TRP A 192 17.26 -11.87 -12.52
C TRP A 192 17.17 -11.37 -11.08
N ALA A 193 18.32 -11.25 -10.43
CA ALA A 193 18.39 -10.77 -9.06
C ALA A 193 17.84 -9.34 -8.95
N ILE A 194 18.19 -8.51 -9.93
CA ILE A 194 17.75 -7.13 -9.96
C ILE A 194 16.25 -7.04 -10.25
N SER A 195 15.77 -7.91 -11.13
CA SER A 195 14.35 -7.97 -11.45
C SER A 195 13.52 -8.31 -10.21
N TYR A 196 14.09 -9.14 -9.35
CA TYR A 196 13.45 -9.50 -8.09
C TYR A 196 13.43 -8.32 -7.13
N LEU A 197 14.57 -7.66 -7.00
CA LEU A 197 14.71 -6.53 -6.07
C LEU A 197 13.88 -5.33 -6.50
N SER A 198 13.79 -5.11 -7.81
CA SER A 198 13.01 -4.00 -8.33
C SER A 198 11.52 -4.28 -8.29
N ASP A 199 11.17 -5.53 -7.97
CA ASP A 199 9.76 -5.91 -7.85
C ASP A 199 9.28 -5.64 -6.43
N GLY A 200 8.88 -4.41 -6.17
CA GLY A 200 8.45 -4.00 -4.85
C GLY A 200 7.96 -2.56 -4.85
N PRO A 201 7.93 -1.94 -3.66
CA PRO A 201 7.47 -0.55 -3.49
C PRO A 201 8.39 0.46 -4.17
N GLN A 202 7.98 1.72 -4.16
CA GLN A 202 8.76 2.78 -4.81
C GLN A 202 10.09 3.02 -4.09
N GLU A 203 10.15 2.63 -2.83
CA GLU A 203 11.38 2.70 -2.06
C GLU A 203 12.42 1.75 -2.64
N ALA A 204 11.95 0.56 -3.04
CA ALA A 204 12.81 -0.44 -3.63
C ALA A 204 13.28 -0.02 -5.01
N ILE A 205 12.37 0.54 -5.80
CA ILE A 205 12.68 1.02 -7.14
C ILE A 205 13.69 2.17 -7.09
N GLN A 206 13.51 3.06 -6.12
CA GLN A 206 14.40 4.19 -5.95
C GLN A 206 15.82 3.74 -5.64
N ALA A 207 15.93 2.66 -4.86
CA ALA A 207 17.22 2.09 -4.50
C ALA A 207 17.95 1.57 -5.73
N VAL A 208 17.20 0.99 -6.65
CA VAL A 208 17.76 0.49 -7.91
C VAL A 208 18.21 1.66 -8.78
N ILE A 209 17.44 2.74 -8.75
CA ILE A 209 17.76 3.94 -9.52
C ILE A 209 19.01 4.63 -8.95
N ASP A 210 19.10 4.66 -7.63
CA ASP A 210 20.19 5.37 -6.96
C ASP A 210 21.57 4.75 -7.23
N VAL A 211 21.63 3.43 -7.40
CA VAL A 211 22.87 2.77 -7.76
C VAL A 211 23.04 2.75 -9.28
N ARG A 212 22.17 3.47 -9.98
CA ARG A 212 22.35 3.79 -11.40
C ARG A 212 22.33 2.56 -12.31
N ILE A 213 21.54 1.58 -11.89
CA ILE A 213 21.29 0.37 -12.67
C ILE A 213 20.46 0.58 -13.96
N PRO A 214 19.35 1.36 -13.92
CA PRO A 214 18.46 1.45 -15.09
C PRO A 214 19.10 1.66 -16.47
N LYS A 215 20.10 2.55 -16.59
CA LYS A 215 20.68 2.84 -17.89
C LYS A 215 21.37 1.62 -18.50
N ARG A 216 22.04 0.84 -17.66
CA ARG A 216 22.69 -0.37 -18.11
C ARG A 216 21.67 -1.43 -18.52
N LEU A 217 20.56 -1.47 -17.78
CA LEU A 217 19.48 -2.40 -18.10
C LEU A 217 18.92 -2.15 -19.48
N VAL A 218 18.71 -0.88 -19.82
CA VAL A 218 18.22 -0.50 -21.14
C VAL A 218 19.19 -0.94 -22.22
N GLU A 219 20.48 -0.82 -21.92
CA GLU A 219 21.52 -1.27 -22.84
C GLU A 219 21.43 -2.79 -23.07
N LEU A 220 21.18 -3.52 -21.99
CA LEU A 220 21.14 -4.98 -22.06
C LEU A 220 19.91 -5.51 -22.79
N LEU A 221 18.97 -4.62 -23.09
CA LEU A 221 17.77 -5.00 -23.84
C LEU A 221 18.13 -5.40 -25.27
N SER A 222 19.25 -4.89 -25.76
CA SER A 222 19.70 -5.17 -27.12
C SER A 222 20.75 -6.28 -27.15
N HIS A 223 20.92 -6.96 -26.02
CA HIS A 223 21.82 -8.12 -25.95
C HIS A 223 21.31 -9.20 -26.89
N GLU A 224 22.24 -9.97 -27.46
CA GLU A 224 21.88 -10.98 -28.46
C GLU A 224 21.02 -12.10 -27.87
N SER A 225 21.28 -12.43 -26.62
CA SER A 225 20.58 -13.54 -25.96
C SER A 225 19.28 -13.08 -25.29
N THR A 226 18.21 -13.83 -25.51
CA THR A 226 16.94 -13.56 -24.85
C THR A 226 17.03 -13.92 -23.38
N LEU A 227 18.00 -14.77 -23.04
CA LEU A 227 18.27 -15.14 -21.65
C LEU A 227 18.69 -13.91 -20.84
N VAL A 228 19.22 -12.91 -21.53
CA VAL A 228 19.61 -11.65 -20.91
C VAL A 228 18.46 -10.63 -21.02
N GLN A 229 17.81 -10.62 -22.17
CA GLN A 229 16.74 -9.68 -22.45
C GLN A 229 15.56 -9.84 -21.50
N THR A 230 15.20 -11.09 -21.20
CA THR A 230 14.01 -11.37 -20.40
C THR A 230 14.09 -10.82 -18.97
N PRO A 231 15.17 -11.11 -18.21
CA PRO A 231 15.19 -10.51 -16.88
C PRO A 231 15.45 -9.01 -16.91
N ALA A 232 16.15 -8.54 -17.93
CA ALA A 232 16.43 -7.12 -18.08
C ALA A 232 15.14 -6.34 -18.37
N LEU A 233 14.33 -6.87 -19.28
CA LEU A 233 13.04 -6.26 -19.61
C LEU A 233 12.11 -6.28 -18.40
N ARG A 234 12.15 -7.37 -17.65
CA ARG A 234 11.35 -7.49 -16.45
C ARG A 234 11.73 -6.43 -15.42
N ALA A 235 13.02 -6.27 -15.21
CA ALA A 235 13.53 -5.28 -14.26
C ALA A 235 13.11 -3.87 -14.66
N VAL A 236 13.30 -3.55 -15.94
CA VAL A 236 12.87 -2.26 -16.48
C VAL A 236 11.37 -2.06 -16.31
N GLY A 237 10.61 -3.11 -16.63
CA GLY A 237 9.17 -3.07 -16.48
C GLY A 237 8.72 -2.84 -15.05
N ASN A 238 9.47 -3.40 -14.11
CA ASN A 238 9.18 -3.20 -12.69
C ASN A 238 9.41 -1.76 -12.26
N ILE A 239 10.49 -1.16 -12.75
CA ILE A 239 10.86 0.20 -12.39
C ILE A 239 9.79 1.21 -12.81
N VAL A 240 9.23 1.03 -14.01
CA VAL A 240 8.25 1.98 -14.53
C VAL A 240 6.85 1.78 -13.94
N THR A 241 6.74 0.88 -12.97
CA THR A 241 5.51 0.75 -12.20
C THR A 241 5.50 1.80 -11.10
N GLY A 242 6.65 2.44 -10.89
CA GLY A 242 6.78 3.50 -9.92
C GLY A 242 6.20 4.80 -10.43
N ASN A 243 6.49 5.89 -9.72
CA ASN A 243 5.91 7.19 -10.07
C ASN A 243 6.52 7.80 -11.33
N ASP A 244 6.01 8.97 -11.71
CA ASP A 244 6.38 9.61 -12.96
C ASP A 244 7.86 10.02 -13.02
N LEU A 245 8.43 10.39 -11.88
CA LEU A 245 9.84 10.75 -11.83
C LEU A 245 10.72 9.52 -12.07
N GLN A 246 10.41 8.44 -11.38
CA GLN A 246 11.15 7.19 -11.52
C GLN A 246 11.02 6.63 -12.93
N THR A 247 9.85 6.79 -13.53
CA THR A 247 9.61 6.34 -14.90
C THR A 247 10.40 7.18 -15.89
N GLN A 248 10.52 8.47 -15.60
CA GLN A 248 11.23 9.38 -16.49
C GLN A 248 12.71 9.03 -16.59
N VAL A 249 13.26 8.47 -15.52
CA VAL A 249 14.64 8.01 -15.51
C VAL A 249 14.85 6.93 -16.57
N VAL A 250 13.90 6.01 -16.66
CA VAL A 250 13.95 4.95 -17.65
C VAL A 250 13.77 5.51 -19.06
N ILE A 251 12.93 6.52 -19.20
CA ILE A 251 12.69 7.16 -20.48
C ILE A 251 13.94 7.88 -20.96
N ASN A 252 14.55 8.65 -20.07
CA ASN A 252 15.80 9.35 -20.38
C ASN A 252 16.91 8.38 -20.76
N ALA A 253 16.80 7.15 -20.28
CA ALA A 253 17.78 6.11 -20.58
C ALA A 253 17.56 5.52 -21.97
N GLY A 254 16.50 5.97 -22.64
CA GLY A 254 16.22 5.58 -24.01
C GLY A 254 15.55 4.23 -24.15
N VAL A 255 14.59 3.95 -23.27
CA VAL A 255 13.92 2.64 -23.26
C VAL A 255 12.92 2.49 -24.41
N LEU A 256 12.39 3.62 -24.89
CA LEU A 256 11.35 3.60 -25.91
C LEU A 256 11.82 3.05 -27.27
N PRO A 257 13.00 3.47 -27.76
CA PRO A 257 13.45 2.82 -29.00
C PRO A 257 13.76 1.34 -28.80
N ALA A 258 14.22 0.98 -27.60
CA ALA A 258 14.52 -0.40 -27.27
C ALA A 258 13.25 -1.25 -27.26
N LEU A 259 12.18 -0.68 -26.71
CA LEU A 259 10.90 -1.39 -26.61
C LEU A 259 10.27 -1.64 -27.97
N ARG A 260 10.52 -0.74 -28.92
CA ARG A 260 9.98 -0.89 -30.27
C ARG A 260 10.59 -2.11 -30.95
N LEU A 261 11.87 -2.33 -30.68
CA LEU A 261 12.59 -3.48 -31.20
C LEU A 261 12.07 -4.76 -30.57
N LEU A 262 11.74 -4.69 -29.29
CA LEU A 262 11.29 -5.86 -28.54
C LEU A 262 9.87 -6.28 -28.93
N LEU A 263 9.14 -5.38 -29.55
CA LEU A 263 7.78 -5.67 -29.98
C LEU A 263 7.77 -6.62 -31.18
N SER A 264 8.93 -6.79 -31.80
CA SER A 264 9.07 -7.70 -32.94
C SER A 264 9.86 -8.95 -32.55
N SER A 265 9.92 -9.23 -31.26
CA SER A 265 10.66 -10.40 -30.76
C SER A 265 9.95 -11.70 -31.13
N PRO A 266 10.74 -12.73 -31.47
CA PRO A 266 10.19 -14.07 -31.76
C PRO A 266 9.58 -14.70 -30.52
N LYS A 267 10.01 -14.24 -29.35
CA LYS A 267 9.45 -14.71 -28.09
C LYS A 267 8.18 -13.94 -27.76
N GLU A 268 7.08 -14.66 -27.59
CA GLU A 268 5.79 -14.05 -27.31
C GLU A 268 5.78 -13.33 -25.96
N ASN A 269 6.44 -13.93 -24.98
CA ASN A 269 6.49 -13.36 -23.63
C ASN A 269 7.25 -12.04 -23.58
N ILE A 270 8.22 -11.88 -24.48
CA ILE A 270 8.96 -10.62 -24.57
C ILE A 270 8.07 -9.53 -25.15
N LYS A 271 7.31 -9.88 -26.18
CA LYS A 271 6.36 -8.96 -26.79
C LYS A 271 5.31 -8.52 -25.77
N LYS A 272 4.87 -9.45 -24.94
CA LYS A 272 3.87 -9.17 -23.92
C LYS A 272 4.39 -8.19 -22.87
N GLU A 273 5.58 -8.46 -22.34
CA GLU A 273 6.15 -7.63 -21.28
C GLU A 273 6.65 -6.29 -21.82
N ALA A 274 6.91 -6.24 -23.12
CA ALA A 274 7.24 -4.99 -23.78
C ALA A 274 6.00 -4.10 -23.81
N CYS A 275 4.87 -4.69 -24.16
CA CYS A 275 3.59 -4.00 -24.13
C CYS A 275 3.26 -3.55 -22.72
N TRP A 276 3.49 -4.45 -21.76
CA TRP A 276 3.27 -4.17 -20.35
C TRP A 276 4.11 -3.00 -19.86
N THR A 277 5.37 -2.96 -20.27
CA THR A 277 6.26 -1.87 -19.92
C THR A 277 5.78 -0.55 -20.51
N ILE A 278 5.42 -0.58 -21.78
CA ILE A 278 4.90 0.61 -22.46
C ILE A 278 3.64 1.13 -21.78
N SER A 279 2.77 0.21 -21.37
CA SER A 279 1.49 0.56 -20.76
C SER A 279 1.66 1.32 -19.45
N ASN A 280 2.70 0.97 -18.70
CA ASN A 280 2.99 1.64 -17.45
C ASN A 280 3.74 2.96 -17.66
N ILE A 281 4.16 3.19 -18.89
CA ILE A 281 4.74 4.48 -19.25
C ILE A 281 3.64 5.42 -19.72
N THR A 282 2.71 4.89 -20.51
CA THR A 282 1.56 5.66 -20.95
C THR A 282 0.59 5.92 -19.79
N ALA A 283 0.84 5.26 -18.67
CA ALA A 283 0.05 5.47 -17.46
C ALA A 283 0.51 6.73 -16.73
N GLY A 284 1.59 7.33 -17.23
CA GLY A 284 2.17 8.52 -16.62
C GLY A 284 1.53 9.81 -17.10
N ASN A 285 2.30 10.89 -17.08
CA ASN A 285 1.79 12.20 -17.49
C ASN A 285 1.72 12.37 -19.00
N THR A 286 1.15 13.49 -19.44
CA THR A 286 0.93 13.76 -20.85
C THR A 286 2.22 13.72 -21.67
N GLU A 287 3.29 14.31 -21.14
CA GLU A 287 4.58 14.36 -21.81
C GLU A 287 5.14 12.97 -22.08
N GLN A 288 4.94 12.05 -21.13
CA GLN A 288 5.43 10.69 -21.25
C GLN A 288 4.62 9.91 -22.27
N ILE A 289 3.32 10.21 -22.36
CA ILE A 289 2.47 9.61 -23.39
C ILE A 289 2.91 10.09 -24.77
N GLN A 290 3.26 11.37 -24.85
CA GLN A 290 3.73 11.96 -26.08
C GLN A 290 5.03 11.31 -26.53
N ALA A 291 5.89 11.00 -25.56
CA ALA A 291 7.18 10.36 -25.85
C ALA A 291 6.97 8.98 -26.46
N VAL A 292 5.98 8.25 -25.95
CA VAL A 292 5.62 6.95 -26.49
C VAL A 292 5.17 7.08 -27.94
N ILE A 293 4.33 8.07 -28.21
CA ILE A 293 3.83 8.33 -29.55
C ILE A 293 4.96 8.70 -30.50
N ASP A 294 5.84 9.61 -30.05
CA ASP A 294 6.96 10.06 -30.85
C ASP A 294 7.92 8.94 -31.19
N ALA A 295 7.92 7.90 -30.36
CA ALA A 295 8.82 6.76 -30.56
C ALA A 295 8.25 5.74 -31.55
N ASN A 296 7.15 6.11 -32.20
CA ASN A 296 6.46 5.25 -33.16
C ASN A 296 6.05 3.91 -32.57
N LEU A 297 5.49 3.95 -31.36
CA LEU A 297 5.14 2.72 -30.65
C LEU A 297 3.67 2.34 -30.80
N ILE A 298 2.84 3.28 -31.23
CA ILE A 298 1.40 3.02 -31.35
C ILE A 298 1.04 2.04 -32.47
N PRO A 299 1.60 2.21 -33.69
CA PRO A 299 1.22 1.25 -34.74
C PRO A 299 1.52 -0.24 -34.43
N PRO A 300 2.69 -0.57 -33.84
CA PRO A 300 2.85 -2.00 -33.54
C PRO A 300 1.98 -2.45 -32.38
N LEU A 301 1.63 -1.53 -31.48
CA LEU A 301 0.74 -1.85 -30.37
C LEU A 301 -0.67 -2.14 -30.88
N VAL A 302 -1.13 -1.35 -31.84
CA VAL A 302 -2.45 -1.53 -32.43
C VAL A 302 -2.58 -2.88 -33.13
N LYS A 303 -1.54 -3.26 -33.86
CA LYS A 303 -1.54 -4.53 -34.58
C LYS A 303 -1.52 -5.71 -33.62
N LEU A 304 -0.75 -5.58 -32.54
CA LEU A 304 -0.71 -6.60 -31.50
C LEU A 304 -2.06 -6.69 -30.80
N LEU A 305 -2.72 -5.54 -30.63
CA LEU A 305 -4.03 -5.51 -30.01
C LEU A 305 -5.06 -6.27 -30.85
N GLU A 306 -4.79 -6.38 -32.15
CA GLU A 306 -5.75 -6.95 -33.07
C GLU A 306 -5.42 -8.39 -33.50
N VAL A 307 -4.16 -8.79 -33.37
CA VAL A 307 -3.74 -10.09 -33.88
C VAL A 307 -3.07 -11.01 -32.84
N ALA A 308 -2.30 -10.42 -31.92
CA ALA A 308 -1.49 -11.21 -30.98
C ALA A 308 -2.30 -12.14 -30.07
N GLU A 309 -1.58 -13.00 -29.35
CA GLU A 309 -2.20 -13.88 -28.35
C GLU A 309 -2.86 -13.04 -27.26
N TYR A 310 -3.88 -13.57 -26.61
CA TYR A 310 -4.68 -12.78 -25.68
C TYR A 310 -3.86 -12.17 -24.54
N LYS A 311 -2.98 -12.96 -23.94
CA LYS A 311 -2.15 -12.50 -22.83
C LYS A 311 -1.30 -11.29 -23.26
N THR A 312 -0.99 -11.21 -24.55
CA THR A 312 -0.25 -10.07 -25.08
C THR A 312 -1.22 -8.95 -25.42
N LYS A 313 -2.40 -9.30 -25.91
CA LYS A 313 -3.43 -8.32 -26.26
C LYS A 313 -3.83 -7.48 -25.06
N LYS A 314 -3.92 -8.12 -23.89
CA LYS A 314 -4.29 -7.45 -22.65
C LYS A 314 -3.40 -6.24 -22.37
N GLU A 315 -2.09 -6.43 -22.49
CA GLU A 315 -1.12 -5.40 -22.17
C GLU A 315 -1.12 -4.29 -23.21
N ALA A 316 -1.32 -4.67 -24.48
CA ALA A 316 -1.45 -3.70 -25.56
C ALA A 316 -2.68 -2.83 -25.34
N CYS A 317 -3.73 -3.44 -24.80
CA CYS A 317 -4.96 -2.73 -24.49
C CYS A 317 -4.72 -1.70 -23.38
N TRP A 318 -4.00 -2.12 -22.35
CA TRP A 318 -3.63 -1.22 -21.24
C TRP A 318 -2.89 0.00 -21.76
N ALA A 319 -1.95 -0.24 -22.67
CA ALA A 319 -1.12 0.81 -23.23
C ALA A 319 -1.93 1.86 -23.97
N ILE A 320 -2.78 1.39 -24.88
CA ILE A 320 -3.61 2.26 -25.70
C ILE A 320 -4.67 2.96 -24.85
N SER A 321 -5.21 2.24 -23.87
CA SER A 321 -6.21 2.80 -22.97
C SER A 321 -5.61 3.88 -22.08
N ASN A 322 -4.47 3.59 -21.48
CA ASN A 322 -3.76 4.56 -20.64
C ASN A 322 -3.37 5.80 -21.44
N ALA A 323 -2.97 5.60 -22.69
CA ALA A 323 -2.58 6.70 -23.56
C ALA A 323 -3.78 7.60 -23.84
N SER A 324 -4.96 7.00 -23.89
CA SER A 324 -6.19 7.75 -24.22
C SER A 324 -6.60 8.69 -23.09
N SER A 325 -6.12 8.42 -21.88
CA SER A 325 -6.39 9.28 -20.73
C SER A 325 -5.71 10.64 -20.90
N GLY A 326 -4.68 10.67 -21.73
CA GLY A 326 -4.01 11.91 -22.05
C GLY A 326 -4.82 12.73 -23.04
N GLY A 327 -5.99 12.20 -23.41
CA GLY A 327 -6.82 12.83 -24.42
C GLY A 327 -7.61 14.03 -23.94
N LEU A 328 -7.96 14.04 -22.65
CA LEU A 328 -8.72 15.14 -22.07
C LEU A 328 -7.87 16.41 -22.04
N GLN A 329 -6.57 16.24 -21.79
CA GLN A 329 -5.65 17.35 -21.70
C GLN A 329 -5.07 17.72 -23.07
N ARG A 330 -4.77 16.69 -23.87
CA ARG A 330 -4.25 16.91 -25.22
C ARG A 330 -5.01 16.06 -26.22
N PRO A 331 -6.09 16.62 -26.79
CA PRO A 331 -7.01 15.93 -27.70
C PRO A 331 -6.36 15.36 -28.96
N ASP A 332 -5.19 15.85 -29.33
CA ASP A 332 -4.50 15.35 -30.52
C ASP A 332 -4.00 13.92 -30.28
N ILE A 333 -3.88 13.55 -29.01
CA ILE A 333 -3.50 12.19 -28.65
C ILE A 333 -4.57 11.21 -29.09
N ILE A 334 -5.83 11.54 -28.81
CA ILE A 334 -6.96 10.72 -29.24
C ILE A 334 -7.09 10.70 -30.76
N ARG A 335 -6.96 11.86 -31.37
CA ARG A 335 -7.01 11.97 -32.83
C ARG A 335 -6.00 11.06 -33.50
N TYR A 336 -4.80 10.99 -32.91
CA TYR A 336 -3.76 10.13 -33.45
C TYR A 336 -4.08 8.66 -33.21
N LEU A 337 -4.62 8.35 -32.04
CA LEU A 337 -4.96 6.98 -31.68
C LEU A 337 -6.05 6.42 -32.60
N VAL A 338 -7.11 7.21 -32.79
CA VAL A 338 -8.19 6.81 -33.68
C VAL A 338 -7.69 6.69 -35.12
N SER A 339 -6.79 7.60 -35.50
CA SER A 339 -6.23 7.62 -36.84
C SER A 339 -5.41 6.36 -37.13
N GLN A 340 -4.85 5.76 -36.08
CA GLN A 340 -4.04 4.55 -36.24
C GLN A 340 -4.90 3.29 -36.13
N GLY A 341 -6.22 3.48 -36.16
CA GLY A 341 -7.16 2.37 -36.17
C GLY A 341 -7.19 1.55 -34.90
N CYS A 342 -7.36 2.20 -33.76
CA CYS A 342 -7.36 1.51 -32.48
C CYS A 342 -8.77 1.14 -32.02
N ILE A 343 -9.77 1.80 -32.58
CA ILE A 343 -11.15 1.63 -32.16
C ILE A 343 -11.66 0.20 -32.35
N LYS A 344 -11.52 -0.34 -33.55
CA LYS A 344 -12.03 -1.66 -33.87
C LYS A 344 -11.36 -2.78 -33.05
N PRO A 345 -10.01 -2.77 -32.92
CA PRO A 345 -9.41 -3.80 -32.06
C PRO A 345 -9.83 -3.68 -30.59
N LEU A 346 -10.07 -2.47 -30.13
CA LEU A 346 -10.57 -2.27 -28.77
C LEU A 346 -11.96 -2.88 -28.63
N CYS A 347 -12.84 -2.58 -29.59
CA CYS A 347 -14.22 -3.04 -29.56
C CYS A 347 -14.32 -4.57 -29.63
N ASP A 348 -13.53 -5.17 -30.52
CA ASP A 348 -13.53 -6.61 -30.70
C ASP A 348 -13.12 -7.35 -29.43
N LEU A 349 -12.39 -6.65 -28.56
CA LEU A 349 -11.85 -7.25 -27.34
C LEU A 349 -12.94 -7.42 -26.27
N LEU A 350 -14.00 -6.64 -26.38
CA LEU A 350 -15.06 -6.62 -25.37
C LEU A 350 -15.82 -7.94 -25.25
N GLU A 351 -15.84 -8.72 -26.32
CA GLU A 351 -16.63 -9.95 -26.34
C GLU A 351 -15.85 -11.16 -25.84
N ILE A 352 -14.55 -11.00 -25.64
CA ILE A 352 -13.70 -12.12 -25.25
C ILE A 352 -12.91 -11.85 -23.97
N ALA A 353 -12.77 -10.57 -23.60
CA ALA A 353 -11.89 -10.18 -22.51
C ALA A 353 -12.52 -10.41 -21.14
N ASP A 354 -11.66 -10.43 -20.12
CA ASP A 354 -12.10 -10.52 -18.73
C ASP A 354 -12.65 -9.18 -18.26
N ASN A 355 -13.26 -9.16 -17.09
CA ASN A 355 -13.92 -7.96 -16.58
C ASN A 355 -12.97 -6.79 -16.33
N ARG A 356 -11.73 -7.08 -15.97
CA ARG A 356 -10.76 -6.01 -15.72
C ARG A 356 -10.35 -5.34 -17.03
N ILE A 357 -10.14 -6.14 -18.06
CA ILE A 357 -9.75 -5.62 -19.37
C ILE A 357 -10.93 -4.93 -20.04
N ILE A 358 -12.12 -5.49 -19.86
CA ILE A 358 -13.35 -4.86 -20.35
C ILE A 358 -13.47 -3.46 -19.76
N GLU A 359 -13.21 -3.34 -18.46
CA GLU A 359 -13.23 -2.06 -17.78
C GLU A 359 -12.15 -1.13 -18.33
N VAL A 360 -10.97 -1.68 -18.57
CA VAL A 360 -9.88 -0.93 -19.17
C VAL A 360 -10.27 -0.47 -20.57
N THR A 361 -10.88 -1.36 -21.33
CA THR A 361 -11.30 -1.07 -22.69
C THR A 361 -12.40 -0.01 -22.73
N LEU A 362 -13.38 -0.13 -21.83
CA LEU A 362 -14.49 0.81 -21.78
C LEU A 362 -14.03 2.23 -21.45
N ASP A 363 -13.03 2.34 -20.59
CA ASP A 363 -12.47 3.64 -20.26
C ASP A 363 -11.77 4.26 -21.46
N ALA A 364 -11.11 3.41 -22.25
CA ALA A 364 -10.47 3.85 -23.48
C ALA A 364 -11.52 4.38 -24.45
N LEU A 365 -12.59 3.61 -24.61
CA LEU A 365 -13.65 3.97 -25.55
C LEU A 365 -14.41 5.22 -25.10
N GLU A 366 -14.56 5.41 -23.79
CA GLU A 366 -15.24 6.61 -23.30
C GLU A 366 -14.37 7.84 -23.51
N ASN A 367 -13.07 7.70 -23.27
CA ASN A 367 -12.13 8.78 -23.52
C ASN A 367 -12.16 9.23 -24.97
N ILE A 368 -12.24 8.25 -25.87
CA ILE A 368 -12.37 8.52 -27.29
C ILE A 368 -13.70 9.22 -27.58
N LEU A 369 -14.74 8.81 -26.86
CA LEU A 369 -16.07 9.40 -27.04
C LEU A 369 -16.17 10.81 -26.47
N LYS A 370 -15.61 11.01 -25.27
CA LYS A 370 -15.64 12.33 -24.65
C LYS A 370 -14.89 13.34 -25.50
N MET A 371 -13.77 12.90 -26.07
CA MET A 371 -13.00 13.74 -26.97
C MET A 371 -13.76 14.01 -28.25
N GLY A 372 -14.34 12.95 -28.83
CA GLY A 372 -15.08 13.08 -30.07
C GLY A 372 -16.30 13.92 -29.79
N GLU A 373 -16.73 13.89 -28.54
CA GLU A 373 -17.89 14.69 -28.16
C GLU A 373 -17.43 16.13 -28.05
N ALA A 374 -16.25 16.39 -27.48
CA ALA A 374 -15.71 17.76 -27.40
C ALA A 374 -15.40 18.36 -28.77
N ASP A 375 -15.14 17.49 -29.75
CA ASP A 375 -14.81 17.88 -31.12
C ASP A 375 -16.09 18.12 -31.90
N LYS A 376 -17.11 18.58 -31.18
CA LYS A 376 -18.46 18.79 -31.69
C LYS A 376 -18.86 20.22 -31.31
N GLU A 377 -18.64 20.58 -30.04
CA GLU A 377 -18.90 21.95 -29.56
C GLU A 377 -17.88 22.96 -30.04
N ALA A 378 -16.78 22.44 -30.57
CA ALA A 378 -15.79 23.26 -31.23
C ALA A 378 -16.12 23.29 -32.72
N ASN A 384 -20.92 13.04 -33.73
CA ASN A 384 -19.72 12.50 -33.12
C ASN A 384 -19.04 11.50 -34.06
N GLU A 385 -17.90 11.90 -34.62
CA GLU A 385 -17.14 11.06 -35.53
C GLU A 385 -16.77 9.73 -34.88
N ASN A 386 -16.22 9.80 -33.68
CA ASN A 386 -15.77 8.61 -32.97
C ASN A 386 -16.91 7.66 -32.65
N ALA A 387 -18.06 8.22 -32.29
CA ALA A 387 -19.23 7.41 -32.01
C ALA A 387 -19.70 6.68 -33.28
N ASP A 388 -19.54 7.34 -34.42
CA ASP A 388 -19.85 6.72 -35.71
C ASP A 388 -18.85 5.62 -36.02
N PHE A 389 -17.57 5.88 -35.77
CA PHE A 389 -16.53 4.88 -35.97
C PHE A 389 -16.75 3.66 -35.08
N ILE A 390 -17.22 3.92 -33.86
CA ILE A 390 -17.46 2.84 -32.89
C ILE A 390 -18.65 1.98 -33.30
N GLU A 391 -19.68 2.62 -33.85
CA GLU A 391 -20.85 1.87 -34.32
C GLU A 391 -20.47 1.01 -35.52
N LYS A 392 -19.74 1.59 -36.47
CA LYS A 392 -19.27 0.85 -37.63
C LYS A 392 -18.31 -0.26 -37.23
N ALA A 393 -17.61 -0.06 -36.12
CA ALA A 393 -16.70 -1.06 -35.60
C ALA A 393 -17.45 -2.23 -34.99
N GLY A 394 -18.76 -2.04 -34.82
CA GLY A 394 -19.59 -3.03 -34.16
C GLY A 394 -19.52 -2.88 -32.66
N GLY A 395 -18.86 -1.82 -32.21
CA GLY A 395 -18.63 -1.59 -30.79
C GLY A 395 -19.83 -1.10 -30.00
N MET A 396 -20.69 -0.33 -30.66
CA MET A 396 -21.92 0.16 -30.01
C MET A 396 -22.75 -1.01 -29.52
N GLU A 397 -22.79 -2.06 -30.32
CA GLU A 397 -23.44 -3.31 -29.96
C GLU A 397 -22.73 -3.98 -28.78
N LYS A 398 -21.40 -4.00 -28.83
CA LYS A 398 -20.60 -4.63 -27.79
C LYS A 398 -20.76 -3.92 -26.46
N ILE A 399 -20.73 -2.59 -26.49
CA ILE A 399 -20.87 -1.78 -25.28
C ILE A 399 -22.25 -1.98 -24.68
N PHE A 400 -23.26 -2.06 -25.53
CA PHE A 400 -24.63 -2.32 -25.08
C PHE A 400 -24.71 -3.67 -24.37
N ASN A 401 -24.07 -4.67 -24.96
CA ASN A 401 -24.08 -6.02 -24.39
C ASN A 401 -23.40 -6.09 -23.02
N CYS A 402 -22.50 -5.14 -22.77
CA CYS A 402 -21.79 -5.08 -21.49
C CYS A 402 -22.71 -4.68 -20.35
N GLN A 403 -23.92 -4.23 -20.69
CA GLN A 403 -24.94 -3.93 -19.69
C GLN A 403 -25.53 -5.23 -19.14
N GLN A 404 -25.22 -6.34 -19.80
CA GLN A 404 -25.69 -7.65 -19.35
C GLN A 404 -24.65 -8.30 -18.44
N ASN A 405 -23.59 -7.57 -18.16
CA ASN A 405 -22.54 -8.05 -17.28
C ASN A 405 -23.00 -8.10 -15.83
N GLU A 406 -22.62 -9.15 -15.12
CA GLU A 406 -23.01 -9.34 -13.73
C GLU A 406 -22.38 -8.28 -12.81
N ASN A 407 -21.16 -7.88 -13.15
CA ASN A 407 -20.42 -6.90 -12.35
C ASN A 407 -21.00 -5.49 -12.53
N ASP A 408 -21.13 -4.78 -11.42
CA ASP A 408 -21.88 -3.51 -11.38
C ASP A 408 -21.17 -2.34 -12.06
N LYS A 409 -19.87 -2.23 -11.84
CA LYS A 409 -19.07 -1.11 -12.34
C LYS A 409 -18.93 -1.14 -13.85
N ILE A 410 -19.05 -2.34 -14.44
CA ILE A 410 -19.04 -2.47 -15.89
C ILE A 410 -20.42 -2.07 -16.44
N TYR A 411 -21.47 -2.49 -15.73
CA TYR A 411 -22.82 -2.12 -16.12
C TYR A 411 -23.01 -0.60 -16.09
N GLU A 412 -22.76 -0.01 -14.92
CA GLU A 412 -22.86 1.44 -14.74
C GLU A 412 -22.10 2.19 -15.83
N LYS A 413 -20.90 1.68 -16.13
CA LYS A 413 -20.04 2.27 -17.14
C LYS A 413 -20.67 2.17 -18.52
N ALA A 414 -21.04 0.95 -18.91
CA ALA A 414 -21.65 0.72 -20.21
C ALA A 414 -22.97 1.47 -20.34
N TYR A 415 -23.70 1.57 -19.24
CA TYR A 415 -24.99 2.24 -19.24
C TYR A 415 -24.86 3.73 -19.58
N LYS A 416 -23.92 4.41 -18.92
CA LYS A 416 -23.73 5.84 -19.13
C LYS A 416 -23.18 6.10 -20.53
N ILE A 417 -22.27 5.25 -20.98
CA ILE A 417 -21.70 5.37 -22.32
C ILE A 417 -22.81 5.32 -23.37
N ILE A 418 -23.68 4.33 -23.26
CA ILE A 418 -24.80 4.18 -24.18
C ILE A 418 -25.74 5.39 -24.09
N GLU A 419 -26.05 5.81 -22.87
CA GLU A 419 -27.02 6.89 -22.66
C GLU A 419 -26.46 8.26 -23.06
N THR A 420 -25.17 8.46 -22.89
CA THR A 420 -24.55 9.76 -23.16
C THR A 420 -24.25 9.98 -24.64
N TYR A 421 -23.72 8.94 -25.30
CA TYR A 421 -23.20 9.11 -26.66
C TYR A 421 -23.99 8.34 -27.72
N PHE A 422 -24.93 7.51 -27.28
CA PHE A 422 -25.74 6.73 -28.20
C PHE A 422 -27.22 6.82 -27.85
N ARG B 5 -3.45 4.65 -14.51
CA ARG B 5 -2.90 3.98 -13.35
C ARG B 5 -2.01 2.79 -13.73
N LYS B 6 -1.02 2.50 -12.90
CA LYS B 6 -0.07 1.43 -13.15
C LYS B 6 -0.66 0.06 -12.81
N HIS B 7 -0.04 -1.01 -13.28
CA HIS B 7 -0.52 -2.37 -13.02
C HIS B 7 0.57 -3.42 -13.27
N LYS B 8 0.45 -4.56 -12.60
CA LYS B 8 1.33 -5.69 -12.81
C LYS B 8 0.52 -6.84 -13.35
N PHE B 9 1.03 -7.50 -14.37
CA PHE B 9 0.30 -8.60 -14.97
C PHE B 9 0.60 -9.90 -14.21
N SER B 12 1.89 -13.75 -9.91
CA SER B 12 1.81 -15.18 -9.61
C SER B 12 3.00 -15.63 -8.75
N THR B 13 2.74 -15.94 -7.48
CA THR B 13 3.83 -16.14 -6.52
C THR B 13 4.20 -17.57 -6.44
N TRP B 14 4.99 -18.03 -7.38
CA TRP B 14 5.28 -19.45 -7.39
C TRP B 14 6.75 -19.76 -7.18
N ALA B 15 7.01 -20.53 -6.12
CA ALA B 15 8.36 -20.86 -5.70
C ALA B 15 8.88 -22.18 -6.28
N LEU B 16 9.13 -22.23 -7.58
CA LEU B 16 9.82 -23.38 -8.18
C LEU B 16 11.21 -23.54 -7.58
N PRO B 17 11.63 -24.78 -7.29
CA PRO B 17 12.98 -24.98 -6.75
C PRO B 17 14.07 -24.60 -7.76
N ASN B 18 15.04 -23.79 -7.34
CA ASN B 18 16.14 -23.41 -8.19
C ASN B 18 17.45 -23.99 -7.67
N LYS B 19 17.73 -25.24 -8.06
CA LYS B 19 18.89 -25.95 -7.55
C LYS B 19 19.81 -26.43 -8.67
N ARG B 20 21.09 -26.58 -8.35
CA ARG B 20 22.07 -27.08 -9.29
C ARG B 20 22.96 -28.12 -8.62
N ARG B 21 23.01 -29.31 -9.20
CA ARG B 21 23.91 -30.35 -8.74
C ARG B 21 25.25 -30.17 -9.43
N ARG B 22 26.36 -30.54 -8.77
CA ARG B 22 27.64 -30.47 -9.43
C ARG B 22 27.95 -31.82 -10.07
N ILE B 23 27.96 -31.83 -11.40
CA ILE B 23 28.10 -33.07 -12.15
C ILE B 23 29.45 -33.14 -12.89
N LEU C 2 4.05 -27.65 22.22
CA LEU C 2 3.73 -27.30 20.84
C LEU C 2 3.97 -28.43 19.81
N PRO C 3 5.10 -29.18 19.92
CA PRO C 3 5.30 -30.23 18.91
C PRO C 3 4.22 -31.31 18.85
N GLN C 4 3.64 -31.67 19.99
CA GLN C 4 2.60 -32.70 20.04
C GLN C 4 1.26 -32.12 19.64
N MET C 5 1.14 -30.80 19.76
CA MET C 5 -0.02 -30.07 19.28
C MET C 5 0.00 -30.02 17.75
N THR C 6 1.20 -29.91 17.20
CA THR C 6 1.39 -29.72 15.76
C THR C 6 1.08 -30.97 14.96
N GLN C 7 1.67 -32.09 15.36
CA GLN C 7 1.44 -33.35 14.65
C GLN C 7 -0.03 -33.76 14.72
N GLN C 8 -0.65 -33.50 15.86
CA GLN C 8 -2.08 -33.76 16.04
C GLN C 8 -2.91 -32.86 15.12
N LEU C 9 -2.42 -31.66 14.87
CA LEU C 9 -3.09 -30.73 13.96
C LEU C 9 -3.02 -31.26 12.53
N ASN C 10 -1.95 -32.01 12.25
CA ASN C 10 -1.75 -32.59 10.93
C ASN C 10 -2.31 -34.01 10.83
N SER C 11 -3.04 -34.42 11.86
CA SER C 11 -3.68 -35.73 11.85
C SER C 11 -4.82 -35.76 10.84
N ASP C 12 -5.08 -36.94 10.29
CA ASP C 12 -6.19 -37.12 9.36
C ASP C 12 -7.48 -37.40 10.14
N ASP C 13 -7.31 -37.73 11.42
CA ASP C 13 -8.45 -37.79 12.32
C ASP C 13 -8.97 -36.38 12.53
N MET C 14 -10.28 -36.21 12.36
CA MET C 14 -10.89 -34.89 12.35
C MET C 14 -11.22 -34.43 13.77
N GLN C 15 -11.47 -35.38 14.66
CA GLN C 15 -11.70 -35.10 16.06
C GLN C 15 -10.49 -34.44 16.71
N GLU C 16 -9.32 -35.03 16.48
CA GLU C 16 -8.08 -34.53 17.05
C GLU C 16 -7.59 -33.28 16.33
N GLN C 17 -8.00 -33.13 15.07
CA GLN C 17 -7.78 -31.87 14.35
C GLN C 17 -8.44 -30.74 15.10
N LEU C 18 -9.69 -30.97 15.48
CA LEU C 18 -10.45 -29.98 16.25
C LEU C 18 -9.86 -29.82 17.64
N SER C 19 -9.43 -30.92 18.24
CA SER C 19 -8.83 -30.90 19.57
C SER C 19 -7.59 -30.02 19.59
N ALA C 20 -6.76 -30.15 18.56
CA ALA C 20 -5.53 -29.38 18.45
C ALA C 20 -5.82 -27.92 18.13
N THR C 21 -6.79 -27.69 17.26
CA THR C 21 -7.15 -26.33 16.85
C THR C 21 -7.67 -25.52 18.04
N VAL C 22 -8.50 -26.16 18.86
CA VAL C 22 -9.01 -25.53 20.07
C VAL C 22 -7.85 -25.14 21.00
N LYS C 23 -6.89 -26.05 21.13
CA LYS C 23 -5.74 -25.83 22.00
C LYS C 23 -4.82 -24.75 21.46
N PHE C 24 -4.74 -24.64 20.13
CA PHE C 24 -4.00 -23.52 19.51
C PHE C 24 -4.71 -22.21 19.79
N ARG C 25 -6.04 -22.25 19.79
CA ARG C 25 -6.84 -21.06 20.05
C ARG C 25 -6.67 -20.60 21.49
N GLN C 26 -6.71 -21.55 22.42
CA GLN C 26 -6.62 -21.24 23.85
C GLN C 26 -5.29 -20.56 24.19
N ILE C 27 -4.20 -21.03 23.59
CA ILE C 27 -2.89 -20.45 23.86
C ILE C 27 -2.71 -19.11 23.14
N LEU C 28 -3.52 -18.88 22.12
CA LEU C 28 -3.48 -17.61 21.41
C LEU C 28 -4.44 -16.60 22.04
N SER C 29 -5.35 -17.11 22.86
CA SER C 29 -6.34 -16.26 23.54
C SER C 29 -6.06 -16.15 25.03
N ARG C 30 -4.84 -16.53 25.44
CA ARG C 30 -4.40 -16.34 26.82
C ARG C 30 -4.35 -14.85 27.15
N GLU C 31 -4.55 -14.49 28.41
CA GLU C 31 -4.77 -13.09 28.76
C GLU C 31 -3.49 -12.27 28.83
N HIS C 32 -2.35 -12.92 28.65
CA HIS C 32 -1.08 -12.22 28.68
C HIS C 32 -0.05 -12.86 27.76
N ARG C 33 0.66 -12.02 27.01
CA ARG C 33 1.78 -12.44 26.16
C ARG C 33 1.46 -13.62 25.25
N PRO C 34 0.79 -13.36 24.12
CA PRO C 34 0.49 -14.45 23.18
C PRO C 34 1.72 -14.87 22.37
N PRO C 35 2.09 -16.16 22.46
CA PRO C 35 3.24 -16.71 21.75
C PRO C 35 3.01 -16.86 20.25
N ILE C 36 2.81 -15.73 19.56
CA ILE C 36 2.44 -15.77 18.15
C ILE C 36 3.59 -16.24 17.26
N ASP C 37 4.80 -15.74 17.52
CA ASP C 37 5.97 -16.11 16.72
C ASP C 37 6.26 -17.61 16.82
N VAL C 38 6.17 -18.16 18.02
CA VAL C 38 6.48 -19.56 18.23
C VAL C 38 5.43 -20.44 17.53
N VAL C 39 4.21 -19.93 17.41
CA VAL C 39 3.14 -20.65 16.72
C VAL C 39 3.33 -20.56 15.21
N ILE C 40 3.71 -19.37 14.73
CA ILE C 40 4.00 -19.17 13.32
C ILE C 40 5.16 -20.04 12.86
N GLN C 41 6.22 -20.10 13.67
CA GLN C 41 7.40 -20.89 13.35
C GLN C 41 7.15 -22.39 13.43
N ALA C 42 6.01 -22.77 14.01
CA ALA C 42 5.60 -24.16 14.03
C ALA C 42 5.05 -24.56 12.67
N GLY C 43 4.82 -23.56 11.82
CA GLY C 43 4.39 -23.78 10.45
C GLY C 43 2.93 -24.20 10.33
N VAL C 44 2.13 -23.87 11.34
CA VAL C 44 0.75 -24.36 11.41
C VAL C 44 -0.28 -23.44 10.76
N VAL C 45 0.14 -22.23 10.39
CA VAL C 45 -0.78 -21.25 9.82
C VAL C 45 -1.44 -21.71 8.51
N PRO C 46 -0.67 -22.26 7.55
CA PRO C 46 -1.37 -22.77 6.36
C PRO C 46 -2.36 -23.89 6.68
N ARG C 47 -2.07 -24.67 7.71
CA ARG C 47 -2.95 -25.75 8.14
C ARG C 47 -4.24 -25.20 8.72
N LEU C 48 -4.13 -24.12 9.50
CA LEU C 48 -5.29 -23.49 10.09
C LEU C 48 -6.19 -22.86 9.04
N VAL C 49 -5.57 -22.35 7.97
CA VAL C 49 -6.30 -21.76 6.86
C VAL C 49 -7.09 -22.83 6.12
N GLU C 50 -6.53 -24.03 6.04
CA GLU C 50 -7.23 -25.18 5.46
C GLU C 50 -8.53 -25.46 6.20
N PHE C 51 -8.51 -25.25 7.52
CA PHE C 51 -9.64 -25.58 8.37
C PHE C 51 -10.81 -24.61 8.19
N MET C 52 -10.61 -23.55 7.42
CA MET C 52 -11.66 -22.56 7.21
C MET C 52 -12.35 -22.73 5.87
N ARG C 53 -11.90 -23.71 5.10
CA ARG C 53 -12.46 -23.93 3.76
C ARG C 53 -13.91 -24.38 3.81
N GLU C 54 -14.58 -24.23 2.68
CA GLU C 54 -15.84 -24.90 2.43
C GLU C 54 -15.71 -26.39 2.75
N ASN C 55 -16.84 -27.03 3.06
CA ASN C 55 -16.91 -28.46 3.29
C ASN C 55 -16.08 -28.93 4.50
N GLN C 56 -15.59 -27.98 5.29
CA GLN C 56 -14.99 -28.27 6.59
C GLN C 56 -16.10 -28.17 7.63
N PRO C 57 -15.98 -28.95 8.72
CA PRO C 57 -16.96 -28.80 9.81
C PRO C 57 -16.92 -27.38 10.39
N GLU C 58 -18.07 -26.86 10.79
CA GLU C 58 -18.19 -25.45 11.18
C GLU C 58 -17.43 -25.11 12.44
N MET C 59 -17.31 -26.08 13.35
CA MET C 59 -16.56 -25.87 14.59
C MET C 59 -15.06 -25.78 14.31
N LEU C 60 -14.62 -26.51 13.30
CA LEU C 60 -13.23 -26.45 12.88
C LEU C 60 -12.97 -25.08 12.27
N GLN C 61 -13.99 -24.52 11.65
CA GLN C 61 -13.89 -23.19 11.04
C GLN C 61 -13.84 -22.10 12.10
N LEU C 62 -14.65 -22.24 13.13
CA LEU C 62 -14.74 -21.25 14.19
C LEU C 62 -13.44 -21.12 14.96
N GLU C 63 -12.90 -22.25 15.41
CA GLU C 63 -11.69 -22.26 16.22
C GLU C 63 -10.46 -21.85 15.41
N ALA C 64 -10.43 -22.23 14.13
CA ALA C 64 -9.32 -21.85 13.27
C ALA C 64 -9.34 -20.36 12.99
N ALA C 65 -10.53 -19.83 12.69
CA ALA C 65 -10.69 -18.40 12.41
C ALA C 65 -10.34 -17.58 13.64
N TRP C 66 -10.65 -18.11 14.82
CA TRP C 66 -10.32 -17.46 16.08
C TRP C 66 -8.80 -17.43 16.25
N ALA C 67 -8.16 -18.57 16.03
CA ALA C 67 -6.71 -18.68 16.13
C ALA C 67 -6.02 -17.72 15.15
N LEU C 68 -6.53 -17.67 13.92
CA LEU C 68 -5.95 -16.80 12.90
C LEU C 68 -6.23 -15.33 13.20
N THR C 69 -7.35 -15.07 13.86
CA THR C 69 -7.70 -13.71 14.25
C THR C 69 -6.66 -13.13 15.21
N ASN C 70 -6.28 -13.91 16.20
CA ASN C 70 -5.35 -13.46 17.23
C ASN C 70 -3.92 -13.35 16.72
N ILE C 71 -3.56 -14.20 15.76
CA ILE C 71 -2.27 -14.10 15.10
C ILE C 71 -2.21 -12.81 14.31
N ALA C 72 -3.34 -12.46 13.68
CA ALA C 72 -3.45 -11.25 12.91
C ALA C 72 -3.55 -10.02 13.80
N SER C 73 -3.84 -10.24 15.08
CA SER C 73 -3.96 -9.14 16.04
C SER C 73 -2.60 -8.66 16.53
N GLY C 74 -1.55 -9.36 16.12
CA GLY C 74 -0.21 -9.04 16.57
C GLY C 74 0.47 -8.00 15.71
N THR C 75 1.80 -8.12 15.56
CA THR C 75 2.57 -7.18 14.77
C THR C 75 2.22 -7.28 13.29
N SER C 76 2.69 -6.31 12.51
CA SER C 76 2.46 -6.29 11.07
C SER C 76 3.09 -7.50 10.40
N ALA C 77 4.24 -7.93 10.92
CA ALA C 77 4.94 -9.10 10.41
C ALA C 77 4.12 -10.36 10.66
N GLN C 78 3.43 -10.40 11.79
CA GLN C 78 2.60 -11.55 12.14
C GLN C 78 1.30 -11.55 11.36
N THR C 79 0.73 -10.37 11.14
CA THR C 79 -0.45 -10.21 10.32
C THR C 79 -0.15 -10.63 8.88
N LYS C 80 1.07 -10.33 8.45
CA LYS C 80 1.54 -10.65 7.10
C LYS C 80 1.53 -12.14 6.82
N VAL C 81 1.89 -12.94 7.82
CA VAL C 81 1.91 -14.40 7.69
C VAL C 81 0.51 -14.94 7.39
N VAL C 82 -0.49 -14.38 8.06
CA VAL C 82 -1.88 -14.79 7.85
C VAL C 82 -2.34 -14.42 6.44
N VAL C 83 -2.02 -13.21 6.00
CA VAL C 83 -2.40 -12.73 4.69
C VAL C 83 -1.71 -13.53 3.58
N ASP C 84 -0.43 -13.82 3.76
CA ASP C 84 0.33 -14.56 2.76
C ASP C 84 -0.10 -16.02 2.69
N ALA C 85 -0.88 -16.45 3.66
CA ALA C 85 -1.40 -17.81 3.67
C ALA C 85 -2.77 -17.87 3.02
N ASP C 86 -3.14 -16.78 2.33
CA ASP C 86 -4.40 -16.68 1.60
C ASP C 86 -5.63 -16.85 2.48
N ALA C 87 -5.61 -16.23 3.65
CA ALA C 87 -6.69 -16.40 4.61
C ALA C 87 -7.86 -15.46 4.33
N VAL C 88 -7.57 -14.28 3.79
CA VAL C 88 -8.58 -13.25 3.59
C VAL C 88 -9.76 -13.66 2.70
N PRO C 89 -9.49 -14.30 1.54
CA PRO C 89 -10.66 -14.73 0.76
C PRO C 89 -11.55 -15.74 1.49
N LEU C 90 -10.96 -16.55 2.38
CA LEU C 90 -11.72 -17.53 3.13
C LEU C 90 -12.50 -16.89 4.28
N PHE C 91 -11.91 -15.87 4.90
CA PHE C 91 -12.61 -15.09 5.91
C PHE C 91 -13.91 -14.52 5.35
N ILE C 92 -13.81 -13.95 4.15
CA ILE C 92 -14.95 -13.33 3.48
C ILE C 92 -15.98 -14.37 3.08
N GLN C 93 -15.50 -15.54 2.67
CA GLN C 93 -16.36 -16.66 2.32
C GLN C 93 -17.21 -17.08 3.52
N LEU C 94 -16.60 -17.05 4.70
CA LEU C 94 -17.29 -17.40 5.94
C LEU C 94 -18.38 -16.40 6.29
N LEU C 95 -18.27 -15.18 5.75
CA LEU C 95 -19.29 -14.16 5.97
C LEU C 95 -20.59 -14.48 5.24
N TYR C 96 -20.52 -15.41 4.30
CA TYR C 96 -21.70 -15.86 3.56
C TYR C 96 -22.31 -17.13 4.17
N THR C 97 -21.44 -18.10 4.43
CA THR C 97 -21.84 -19.46 4.74
C THR C 97 -21.88 -19.75 6.24
N GLY C 98 -21.42 -18.78 7.04
CA GLY C 98 -21.24 -19.00 8.46
C GLY C 98 -22.44 -18.77 9.37
N SER C 99 -22.30 -19.13 10.65
CA SER C 99 -23.29 -18.74 11.66
C SER C 99 -22.93 -17.38 12.22
N VAL C 100 -23.66 -16.92 13.24
CA VAL C 100 -23.37 -15.60 13.81
C VAL C 100 -22.03 -15.58 14.55
N GLU C 101 -21.67 -16.70 15.17
CA GLU C 101 -20.40 -16.78 15.89
C GLU C 101 -19.23 -16.89 14.90
N VAL C 102 -19.44 -17.64 13.84
CA VAL C 102 -18.44 -17.81 12.80
C VAL C 102 -18.27 -16.53 12.00
N LYS C 103 -19.38 -15.87 11.68
CA LYS C 103 -19.33 -14.61 10.94
C LYS C 103 -18.71 -13.50 11.77
N GLU C 104 -18.95 -13.53 13.08
CA GLU C 104 -18.35 -12.53 13.96
C GLU C 104 -16.86 -12.75 14.07
N GLN C 105 -16.44 -14.01 14.04
CA GLN C 105 -15.03 -14.34 14.07
C GLN C 105 -14.36 -13.93 12.76
N ALA C 106 -15.02 -14.22 11.65
CA ALA C 106 -14.49 -13.89 10.32
C ALA C 106 -14.35 -12.39 10.15
N ILE C 107 -15.36 -11.64 10.60
CA ILE C 107 -15.33 -10.19 10.48
C ILE C 107 -14.33 -9.58 11.44
N TRP C 108 -14.08 -10.26 12.55
CA TRP C 108 -13.10 -9.82 13.53
C TRP C 108 -11.70 -9.92 12.92
N ALA C 109 -11.43 -11.06 12.29
CA ALA C 109 -10.14 -11.30 11.63
C ALA C 109 -9.87 -10.25 10.56
N LEU C 110 -10.90 -9.95 9.77
CA LEU C 110 -10.77 -8.95 8.71
C LEU C 110 -10.52 -7.57 9.29
N GLY C 111 -11.01 -7.33 10.49
CA GLY C 111 -10.77 -6.08 11.18
C GLY C 111 -9.31 -5.90 11.52
N ASN C 112 -8.68 -6.97 11.98
CA ASN C 112 -7.26 -6.97 12.29
C ASN C 112 -6.41 -6.82 11.03
N VAL C 113 -6.84 -7.45 9.94
CA VAL C 113 -6.14 -7.32 8.67
C VAL C 113 -6.25 -5.90 8.15
N ALA C 114 -7.48 -5.40 8.08
CA ALA C 114 -7.74 -4.05 7.58
C ALA C 114 -7.08 -2.99 8.45
N GLY C 115 -7.03 -3.24 9.76
CA GLY C 115 -6.49 -2.28 10.70
C GLY C 115 -4.98 -2.28 10.80
N ASP C 116 -4.33 -3.07 9.94
CA ASP C 116 -2.88 -3.16 9.93
C ASP C 116 -2.27 -2.01 9.14
N SER C 117 -2.72 -1.85 7.91
CA SER C 117 -2.16 -0.86 7.00
C SER C 117 -3.12 -0.54 5.87
N THR C 118 -2.80 0.49 5.10
CA THR C 118 -3.63 0.87 3.95
C THR C 118 -3.55 -0.19 2.85
N ASP C 119 -2.42 -0.91 2.82
CA ASP C 119 -2.24 -2.00 1.86
C ASP C 119 -3.24 -3.12 2.10
N TYR C 120 -3.27 -3.61 3.33
CA TYR C 120 -4.16 -4.72 3.68
C TYR C 120 -5.61 -4.27 3.73
N ARG C 121 -5.84 -3.00 4.05
CA ARG C 121 -7.18 -2.43 4.02
C ARG C 121 -7.75 -2.51 2.61
N ASP C 122 -6.98 -2.01 1.65
CA ASP C 122 -7.39 -2.03 0.25
C ASP C 122 -7.48 -3.46 -0.28
N TYR C 123 -6.61 -4.33 0.22
CA TYR C 123 -6.61 -5.74 -0.17
C TYR C 123 -7.93 -6.41 0.20
N VAL C 124 -8.37 -6.19 1.44
CA VAL C 124 -9.66 -6.71 1.90
C VAL C 124 -10.79 -6.20 1.04
N LEU C 125 -10.77 -4.91 0.72
CA LEU C 125 -11.79 -4.30 -0.12
C LEU C 125 -11.75 -4.82 -1.54
N GLN C 126 -10.54 -5.08 -2.05
CA GLN C 126 -10.37 -5.59 -3.40
C GLN C 126 -10.84 -7.04 -3.51
N CYS C 127 -10.94 -7.72 -2.38
CA CYS C 127 -11.44 -9.09 -2.36
C CYS C 127 -12.97 -9.10 -2.20
N ASN C 128 -13.58 -7.93 -2.42
CA ASN C 128 -15.03 -7.77 -2.40
C ASN C 128 -15.66 -8.11 -1.06
N ALA C 129 -15.14 -7.52 0.01
CA ALA C 129 -15.62 -7.83 1.35
C ALA C 129 -16.83 -6.97 1.74
N MET C 130 -16.94 -5.79 1.15
CA MET C 130 -18.00 -4.84 1.52
C MET C 130 -19.39 -5.45 1.38
N GLU C 131 -19.60 -6.21 0.31
CA GLU C 131 -20.91 -6.79 0.02
C GLU C 131 -21.41 -7.74 1.13
N PRO C 132 -20.59 -8.73 1.54
CA PRO C 132 -21.09 -9.55 2.66
C PRO C 132 -21.05 -8.83 4.00
N ILE C 133 -20.16 -7.85 4.17
CA ILE C 133 -20.04 -7.14 5.43
C ILE C 133 -21.30 -6.32 5.74
N LEU C 134 -21.82 -5.64 4.73
CA LEU C 134 -23.05 -4.86 4.90
C LEU C 134 -24.23 -5.75 5.24
N GLY C 135 -24.18 -7.01 4.79
CA GLY C 135 -25.24 -7.95 5.05
C GLY C 135 -25.33 -8.34 6.52
N LEU C 136 -24.22 -8.18 7.24
CA LEU C 136 -24.14 -8.57 8.65
C LEU C 136 -24.99 -7.71 9.56
N PHE C 137 -25.27 -6.47 9.12
CA PHE C 137 -25.95 -5.51 9.98
C PHE C 137 -27.45 -5.71 10.05
N ASN C 138 -27.93 -6.82 9.49
CA ASN C 138 -29.33 -7.21 9.63
C ASN C 138 -29.52 -8.18 10.79
N SER C 139 -28.45 -8.42 11.53
CA SER C 139 -28.47 -9.41 12.60
C SER C 139 -29.22 -8.92 13.82
N ASN C 140 -29.65 -9.86 14.66
CA ASN C 140 -30.25 -9.53 15.94
C ASN C 140 -29.21 -9.65 17.04
N LYS C 141 -27.94 -9.72 16.61
CA LYS C 141 -26.82 -9.92 17.51
C LYS C 141 -26.08 -8.60 17.74
N PRO C 142 -26.16 -8.07 18.97
CA PRO C 142 -25.43 -6.85 19.28
C PRO C 142 -23.91 -7.00 19.09
N SER C 143 -23.34 -8.10 19.57
CA SER C 143 -21.89 -8.30 19.49
C SER C 143 -21.40 -8.42 18.06
N LEU C 144 -22.18 -9.09 17.22
CA LEU C 144 -21.85 -9.23 15.80
C LEU C 144 -21.83 -7.87 15.13
N ILE C 145 -22.85 -7.07 15.38
CA ILE C 145 -22.96 -5.73 14.81
C ILE C 145 -21.87 -4.82 15.37
N ARG C 146 -21.56 -4.99 16.65
CA ARG C 146 -20.49 -4.22 17.30
C ARG C 146 -19.14 -4.48 16.64
N THR C 147 -18.82 -5.76 16.46
CA THR C 147 -17.55 -6.15 15.85
C THR C 147 -17.50 -5.75 14.38
N ALA C 148 -18.61 -5.94 13.67
CA ALA C 148 -18.70 -5.61 12.26
C ALA C 148 -18.57 -4.10 12.04
N THR C 149 -19.03 -3.32 13.01
CA THR C 149 -18.94 -1.87 12.94
C THR C 149 -17.48 -1.44 13.08
N TRP C 150 -16.76 -2.08 14.01
CA TRP C 150 -15.35 -1.79 14.23
C TRP C 150 -14.53 -2.09 12.97
N THR C 151 -14.76 -3.26 12.39
CA THR C 151 -14.10 -3.66 11.15
C THR C 151 -14.41 -2.66 10.04
N LEU C 152 -15.67 -2.28 9.94
CA LEU C 152 -16.14 -1.33 8.93
C LEU C 152 -15.41 0.01 9.05
N SER C 153 -15.15 0.43 10.29
CA SER C 153 -14.46 1.69 10.54
C SER C 153 -13.00 1.62 10.10
N ASN C 154 -12.38 0.47 10.27
CA ASN C 154 -11.00 0.27 9.81
C ASN C 154 -10.92 0.27 8.29
N LEU C 155 -12.02 -0.11 7.63
CA LEU C 155 -12.06 -0.14 6.17
C LEU C 155 -12.22 1.26 5.58
N CYS C 156 -12.72 2.19 6.39
CA CYS C 156 -12.94 3.56 5.94
C CYS C 156 -11.77 4.45 6.35
N ARG C 157 -10.85 3.85 7.10
CA ARG C 157 -9.77 4.57 7.77
C ARG C 157 -8.55 4.69 6.87
N GLY C 158 -7.88 5.84 6.91
CA GLY C 158 -6.66 6.03 6.16
C GLY C 158 -6.77 7.10 5.09
N LYS C 159 -5.73 7.93 4.97
CA LYS C 159 -5.79 9.08 4.07
C LYS C 159 -4.79 9.04 2.92
N LYS C 160 -3.67 8.34 3.07
CA LYS C 160 -2.74 8.19 1.95
C LYS C 160 -2.33 6.73 1.74
N PRO C 161 -3.01 6.04 0.81
CA PRO C 161 -4.12 6.66 0.07
C PRO C 161 -5.46 6.50 0.78
N GLN C 162 -6.49 7.18 0.28
CA GLN C 162 -7.84 6.97 0.77
C GLN C 162 -8.36 5.64 0.23
N PRO C 163 -9.33 5.02 0.92
CA PRO C 163 -9.93 3.81 0.37
C PRO C 163 -10.76 4.12 -0.87
N ASP C 164 -11.02 3.10 -1.69
CA ASP C 164 -11.88 3.23 -2.86
C ASP C 164 -13.23 3.81 -2.44
N TRP C 165 -13.48 5.06 -2.80
CA TRP C 165 -14.70 5.75 -2.40
C TRP C 165 -15.95 5.06 -2.93
N SER C 166 -15.86 4.53 -4.14
CA SER C 166 -16.98 3.82 -4.76
C SER C 166 -17.40 2.60 -3.93
N VAL C 167 -16.47 2.10 -3.12
CA VAL C 167 -16.73 0.95 -2.27
C VAL C 167 -17.21 1.36 -0.88
N VAL C 168 -16.40 2.17 -0.20
CA VAL C 168 -16.67 2.52 1.20
C VAL C 168 -17.89 3.42 1.38
N SER C 169 -18.28 4.13 0.33
CA SER C 169 -19.43 5.04 0.40
C SER C 169 -20.74 4.26 0.50
N GLN C 170 -20.70 2.99 0.12
CA GLN C 170 -21.89 2.14 0.17
C GLN C 170 -22.32 1.86 1.61
N ALA C 171 -21.44 2.14 2.56
CA ALA C 171 -21.71 1.85 3.96
C ALA C 171 -22.49 2.98 4.64
N LEU C 172 -22.63 4.11 3.94
CA LEU C 172 -23.27 5.29 4.51
C LEU C 172 -24.73 5.12 4.95
N PRO C 173 -25.58 4.46 4.13
CA PRO C 173 -26.93 4.22 4.64
C PRO C 173 -26.93 3.36 5.90
N THR C 174 -26.02 2.39 5.95
CA THR C 174 -25.87 1.52 7.11
C THR C 174 -25.40 2.31 8.33
N LEU C 175 -24.37 3.11 8.14
CA LEU C 175 -23.83 3.95 9.21
C LEU C 175 -24.88 4.93 9.73
N ALA C 176 -25.74 5.39 8.84
CA ALA C 176 -26.81 6.31 9.19
C ALA C 176 -27.76 5.70 10.23
N LYS C 177 -27.98 4.40 10.11
CA LYS C 177 -28.83 3.69 11.06
C LYS C 177 -28.07 3.37 12.33
N LEU C 178 -26.78 3.07 12.17
CA LEU C 178 -25.94 2.64 13.29
C LEU C 178 -25.71 3.72 14.35
N ILE C 179 -25.87 4.98 13.98
CA ILE C 179 -25.66 6.07 14.93
C ILE C 179 -26.93 6.34 15.75
N TYR C 180 -27.91 5.47 15.61
CA TYR C 180 -29.09 5.50 16.45
C TYR C 180 -29.05 4.34 17.45
N SER C 181 -27.92 3.64 17.47
CA SER C 181 -27.72 2.49 18.34
C SER C 181 -27.64 2.87 19.81
N MET C 182 -28.05 1.95 20.67
CA MET C 182 -27.98 2.14 22.11
C MET C 182 -26.63 1.64 22.64
N ASP C 183 -25.95 0.82 21.83
CA ASP C 183 -24.64 0.31 22.21
C ASP C 183 -23.58 1.38 22.00
N THR C 184 -22.90 1.75 23.08
CA THR C 184 -21.92 2.84 23.03
C THR C 184 -20.74 2.52 22.12
N GLU C 185 -20.23 1.29 22.21
CA GLU C 185 -19.09 0.86 21.40
C GLU C 185 -19.45 0.86 19.92
N THR C 186 -20.67 0.42 19.61
CA THR C 186 -21.17 0.48 18.24
C THR C 186 -21.28 1.92 17.77
N LEU C 187 -21.79 2.77 18.66
CA LEU C 187 -21.97 4.20 18.40
C LEU C 187 -20.65 4.88 18.08
N VAL C 188 -19.63 4.58 18.87
CA VAL C 188 -18.32 5.22 18.74
C VAL C 188 -17.64 4.88 17.42
N ASP C 189 -17.59 3.59 17.07
CA ASP C 189 -16.92 3.15 15.86
C ASP C 189 -17.68 3.59 14.60
N ALA C 190 -19.00 3.71 14.73
CA ALA C 190 -19.82 4.19 13.63
C ALA C 190 -19.52 5.66 13.36
N CYS C 191 -19.35 6.43 14.43
CA CYS C 191 -19.03 7.85 14.30
C CYS C 191 -17.62 8.07 13.76
N TRP C 192 -16.69 7.23 14.17
CA TRP C 192 -15.31 7.30 13.66
C TRP C 192 -15.30 6.99 12.17
N ALA C 193 -16.06 5.98 11.77
CA ALA C 193 -16.18 5.60 10.36
C ALA C 193 -16.71 6.77 9.53
N ILE C 194 -17.73 7.44 10.06
CA ILE C 194 -18.33 8.58 9.38
C ILE C 194 -17.35 9.75 9.28
N SER C 195 -16.59 9.98 10.34
CA SER C 195 -15.60 11.04 10.36
C SER C 195 -14.54 10.79 9.29
N TYR C 196 -14.23 9.53 9.04
CA TYR C 196 -13.28 9.16 7.99
C TYR C 196 -13.86 9.44 6.62
N LEU C 197 -15.11 9.02 6.42
CA LEU C 197 -15.78 9.18 5.12
C LEU C 197 -16.07 10.63 4.80
N SER C 198 -16.43 11.41 5.82
CA SER C 198 -16.71 12.82 5.63
C SER C 198 -15.42 13.62 5.50
N ASP C 199 -14.29 12.96 5.77
CA ASP C 199 -13.00 13.61 5.62
C ASP C 199 -12.50 13.43 4.20
N GLY C 200 -12.94 14.33 3.33
CA GLY C 200 -12.55 14.28 1.94
C GLY C 200 -13.15 15.47 1.21
N PRO C 201 -13.29 15.35 -0.12
CA PRO C 201 -13.82 16.39 -0.99
C PRO C 201 -15.34 16.55 -0.83
N GLN C 202 -15.89 17.59 -1.45
CA GLN C 202 -17.28 17.99 -1.20
C GLN C 202 -18.31 16.97 -1.64
N GLU C 203 -17.97 16.15 -2.63
CA GLU C 203 -18.91 15.13 -3.09
C GLU C 203 -19.03 14.05 -2.02
N ALA C 204 -17.95 13.83 -1.28
CA ALA C 204 -17.98 12.92 -0.13
C ALA C 204 -18.85 13.49 0.98
N ILE C 205 -18.68 14.77 1.27
CA ILE C 205 -19.46 15.46 2.28
C ILE C 205 -20.95 15.45 1.91
N GLN C 206 -21.23 15.63 0.63
CA GLN C 206 -22.60 15.64 0.14
C GLN C 206 -23.26 14.28 0.33
N ALA C 207 -22.49 13.22 0.15
CA ALA C 207 -22.98 11.86 0.32
C ALA C 207 -23.42 11.64 1.76
N VAL C 208 -22.66 12.20 2.71
CA VAL C 208 -22.99 12.11 4.12
C VAL C 208 -24.27 12.89 4.42
N ILE C 209 -24.41 14.05 3.79
CA ILE C 209 -25.60 14.87 3.97
C ILE C 209 -26.84 14.20 3.38
N ASP C 210 -26.67 13.56 2.23
CA ASP C 210 -27.79 12.95 1.51
C ASP C 210 -28.44 11.80 2.27
N VAL C 211 -27.70 11.17 3.18
CA VAL C 211 -28.27 10.09 3.99
C VAL C 211 -28.71 10.59 5.36
N ARG C 212 -28.86 11.91 5.46
CA ARG C 212 -29.42 12.56 6.64
C ARG C 212 -28.65 12.30 7.93
N ILE C 213 -27.34 12.12 7.81
CA ILE C 213 -26.46 11.90 8.96
C ILE C 213 -26.21 13.15 9.84
N PRO C 214 -25.94 14.33 9.24
CA PRO C 214 -25.54 15.50 10.04
C PRO C 214 -26.40 15.83 11.27
N LYS C 215 -27.72 15.72 11.16
CA LYS C 215 -28.59 16.10 12.27
C LYS C 215 -28.42 15.17 13.47
N ARG C 216 -28.25 13.89 13.21
CA ARG C 216 -28.02 12.94 14.30
C ARG C 216 -26.66 13.17 14.93
N LEU C 217 -25.68 13.57 14.12
CA LEU C 217 -24.35 13.90 14.61
C LEU C 217 -24.40 15.03 15.63
N VAL C 218 -25.16 16.08 15.31
CA VAL C 218 -25.30 17.23 16.19
C VAL C 218 -25.93 16.82 17.52
N GLU C 219 -26.88 15.89 17.46
CA GLU C 219 -27.51 15.36 18.66
C GLU C 219 -26.50 14.60 19.52
N LEU C 220 -25.61 13.86 18.86
CA LEU C 220 -24.62 13.06 19.56
C LEU C 220 -23.53 13.92 20.21
N LEU C 221 -23.54 15.21 19.91
CA LEU C 221 -22.58 16.13 20.51
C LEU C 221 -22.85 16.34 21.99
N SER C 222 -24.09 16.05 22.41
CA SER C 222 -24.48 16.23 23.81
C SER C 222 -24.51 14.89 24.54
N HIS C 223 -23.99 13.86 23.89
CA HIS C 223 -23.85 12.54 24.51
C HIS C 223 -22.95 12.64 25.74
N GLU C 224 -23.22 11.83 26.75
CA GLU C 224 -22.49 11.90 28.01
C GLU C 224 -21.01 11.56 27.84
N SER C 225 -20.72 10.61 26.95
CA SER C 225 -19.36 10.14 26.74
C SER C 225 -18.60 11.00 25.74
N THR C 226 -17.39 11.40 26.11
CA THR C 226 -16.50 12.14 25.22
C THR C 226 -15.99 11.21 24.12
N LEU C 227 -16.07 9.91 24.37
CA LEU C 227 -15.72 8.90 23.38
C LEU C 227 -16.67 8.94 22.20
N VAL C 228 -17.88 9.45 22.45
CA VAL C 228 -18.85 9.65 21.38
C VAL C 228 -18.72 11.05 20.79
N GLN C 229 -18.54 12.03 21.68
CA GLN C 229 -18.44 13.43 21.27
C GLN C 229 -17.29 13.69 20.31
N THR C 230 -16.15 13.05 20.56
CA THR C 230 -14.94 13.30 19.78
C THR C 230 -15.09 12.95 18.29
N PRO C 231 -15.47 11.69 17.97
CA PRO C 231 -15.61 11.42 16.54
C PRO C 231 -16.81 12.14 15.92
N ALA C 232 -17.84 12.40 16.73
CA ALA C 232 -19.01 13.13 16.27
C ALA C 232 -18.64 14.57 15.91
N LEU C 233 -17.88 15.20 16.79
CA LEU C 233 -17.43 16.58 16.57
C LEU C 233 -16.50 16.65 15.37
N ARG C 234 -15.66 15.63 15.22
CA ARG C 234 -14.76 15.53 14.08
C ARG C 234 -15.54 15.45 12.78
N ALA C 235 -16.52 14.56 12.74
CA ALA C 235 -17.36 14.38 11.55
C ALA C 235 -18.09 15.67 11.19
N VAL C 236 -18.69 16.30 12.21
CA VAL C 236 -19.36 17.58 12.02
C VAL C 236 -18.38 18.64 11.52
N GLY C 237 -17.20 18.67 12.13
CA GLY C 237 -16.16 19.61 11.74
C GLY C 237 -15.69 19.39 10.31
N ASN C 238 -15.67 18.14 9.86
CA ASN C 238 -15.28 17.83 8.49
C ASN C 238 -16.31 18.32 7.47
N ILE C 239 -17.58 18.20 7.83
CA ILE C 239 -18.67 18.59 6.95
C ILE C 239 -18.65 20.09 6.67
N VAL C 240 -18.33 20.89 7.68
CA VAL C 240 -18.36 22.34 7.53
C VAL C 240 -17.08 22.89 6.89
N THR C 241 -16.22 21.99 6.40
CA THR C 241 -15.10 22.40 5.57
C THR C 241 -15.57 22.49 4.13
N GLY C 242 -16.78 22.00 3.88
CA GLY C 242 -17.40 22.09 2.57
C GLY C 242 -17.95 23.48 2.30
N ASN C 243 -18.76 23.61 1.27
CA ASN C 243 -19.28 24.92 0.87
C ASN C 243 -20.37 25.45 1.81
N ASP C 244 -20.89 26.63 1.49
CA ASP C 244 -21.82 27.34 2.36
C ASP C 244 -23.16 26.62 2.50
N LEU C 245 -23.63 26.00 1.42
CA LEU C 245 -24.88 25.24 1.47
C LEU C 245 -24.75 24.05 2.41
N GLN C 246 -23.64 23.34 2.28
CA GLN C 246 -23.37 22.17 3.12
C GLN C 246 -23.20 22.56 4.58
N THR C 247 -22.59 23.73 4.80
CA THR C 247 -22.40 24.25 6.15
C THR C 247 -23.73 24.66 6.77
N GLN C 248 -24.62 25.21 5.94
CA GLN C 248 -25.91 25.67 6.42
C GLN C 248 -26.77 24.51 6.92
N VAL C 249 -26.54 23.32 6.37
CA VAL C 249 -27.23 22.12 6.84
C VAL C 249 -26.90 21.86 8.30
N VAL C 250 -25.62 21.98 8.63
CA VAL C 250 -25.16 21.76 9.99
C VAL C 250 -25.67 22.85 10.93
N ILE C 251 -25.74 24.08 10.44
CA ILE C 251 -26.25 25.19 11.23
C ILE C 251 -27.74 24.99 11.54
N ASN C 252 -28.50 24.63 10.51
CA ASN C 252 -29.93 24.35 10.69
C ASN C 252 -30.16 23.17 11.62
N ALA C 253 -29.17 22.29 11.72
CA ALA C 253 -29.25 21.15 12.62
C ALA C 253 -29.04 21.56 14.08
N GLY C 254 -28.77 22.86 14.27
CA GLY C 254 -28.61 23.41 15.61
C GLY C 254 -27.24 23.15 16.22
N VAL C 255 -26.20 23.23 15.40
CA VAL C 255 -24.85 22.92 15.85
C VAL C 255 -24.25 24.00 16.75
N LEU C 256 -24.71 25.25 16.56
CA LEU C 256 -24.11 26.38 17.26
C LEU C 256 -24.36 26.37 18.78
N PRO C 257 -25.59 26.05 19.23
CA PRO C 257 -25.72 25.92 20.68
C PRO C 257 -24.96 24.71 21.22
N ALA C 258 -24.74 23.70 20.38
CA ALA C 258 -24.00 22.51 20.78
C ALA C 258 -22.51 22.83 20.94
N LEU C 259 -21.96 23.54 19.95
CA LEU C 259 -20.57 23.98 20.01
C LEU C 259 -20.35 24.92 21.19
N ARG C 260 -21.39 25.68 21.52
CA ARG C 260 -21.38 26.56 22.69
C ARG C 260 -21.00 25.80 23.96
N LEU C 261 -21.62 24.62 24.13
CA LEU C 261 -21.40 23.81 25.31
C LEU C 261 -20.03 23.13 25.28
N LEU C 262 -19.62 22.73 24.08
CA LEU C 262 -18.36 22.00 23.90
C LEU C 262 -17.13 22.86 24.15
N LEU C 263 -17.31 24.18 24.09
CA LEU C 263 -16.23 25.11 24.37
C LEU C 263 -15.84 25.09 25.85
N SER C 264 -16.72 24.53 26.68
CA SER C 264 -16.47 24.41 28.10
C SER C 264 -16.14 22.98 28.50
N SER C 265 -15.71 22.18 27.53
CA SER C 265 -15.36 20.79 27.77
C SER C 265 -14.06 20.68 28.57
N PRO C 266 -14.01 19.71 29.50
CA PRO C 266 -12.77 19.45 30.23
C PRO C 266 -11.68 18.90 29.32
N LYS C 267 -12.09 18.34 28.18
CA LYS C 267 -11.14 17.79 27.22
C LYS C 267 -10.65 18.89 26.29
N GLU C 268 -9.34 19.12 26.29
CA GLU C 268 -8.76 20.22 25.53
C GLU C 268 -8.97 20.07 24.03
N ASN C 269 -8.85 18.84 23.54
CA ASN C 269 -8.99 18.58 22.12
C ASN C 269 -10.41 18.80 21.61
N ILE C 270 -11.39 18.66 22.49
CA ILE C 270 -12.78 18.95 22.13
C ILE C 270 -12.97 20.46 22.02
N LYS C 271 -12.39 21.19 22.95
CA LYS C 271 -12.40 22.65 22.90
C LYS C 271 -11.72 23.15 21.63
N LYS C 272 -10.62 22.50 21.25
CA LYS C 272 -9.89 22.87 20.06
C LYS C 272 -10.69 22.64 18.78
N GLU C 273 -11.28 21.45 18.67
CA GLU C 273 -12.01 21.08 17.47
C GLU C 273 -13.36 21.78 17.40
N ALA C 274 -13.87 22.22 18.55
CA ALA C 274 -15.06 23.05 18.60
C ALA C 274 -14.74 24.41 17.99
N CYS C 275 -13.61 24.98 18.42
CA CYS C 275 -13.11 26.23 17.86
C CYS C 275 -12.85 26.09 16.37
N TRP C 276 -12.25 24.97 16.00
CA TRP C 276 -11.96 24.67 14.59
C TRP C 276 -13.23 24.59 13.77
N THR C 277 -14.24 23.92 14.31
CA THR C 277 -15.55 23.82 13.66
C THR C 277 -16.19 25.20 13.48
N ILE C 278 -16.13 25.99 14.54
CA ILE C 278 -16.68 27.35 14.51
C ILE C 278 -15.97 28.21 13.49
N SER C 279 -14.65 28.03 13.37
CA SER C 279 -13.84 28.84 12.46
C SER C 279 -14.20 28.58 11.00
N ASN C 280 -14.54 27.34 10.68
CA ASN C 280 -14.94 26.99 9.32
C ASN C 280 -16.37 27.40 9.03
N ILE C 281 -17.11 27.78 10.07
CA ILE C 281 -18.45 28.32 9.90
C ILE C 281 -18.37 29.83 9.70
N THR C 282 -17.51 30.48 10.46
CA THR C 282 -17.27 31.91 10.30
C THR C 282 -16.50 32.18 9.01
N ALA C 283 -16.04 31.11 8.37
CA ALA C 283 -15.37 31.21 7.08
C ALA C 283 -16.40 31.33 5.96
N GLY C 284 -17.68 31.22 6.31
CA GLY C 284 -18.75 31.28 5.35
C GLY C 284 -19.26 32.68 5.09
N ASN C 285 -20.53 32.79 4.71
CA ASN C 285 -21.11 34.10 4.40
C ASN C 285 -21.47 34.90 5.65
N THR C 286 -21.93 36.13 5.43
CA THR C 286 -22.23 37.07 6.51
C THR C 286 -23.30 36.56 7.46
N GLU C 287 -24.31 35.91 6.91
CA GLU C 287 -25.44 35.41 7.68
C GLU C 287 -25.01 34.30 8.64
N GLN C 288 -24.06 33.49 8.19
CA GLN C 288 -23.55 32.40 9.01
C GLN C 288 -22.65 32.93 10.13
N ILE C 289 -21.89 33.98 9.81
CA ILE C 289 -21.09 34.66 10.83
C ILE C 289 -21.99 35.28 11.87
N GLN C 290 -23.09 35.87 11.42
CA GLN C 290 -24.07 36.48 12.30
C GLN C 290 -24.69 35.44 13.23
N ALA C 291 -24.94 34.24 12.68
CA ALA C 291 -25.51 33.14 13.44
C ALA C 291 -24.58 32.74 14.58
N VAL C 292 -23.28 32.72 14.30
CA VAL C 292 -22.27 32.41 15.30
C VAL C 292 -22.30 33.44 16.42
N ILE C 293 -22.41 34.71 16.04
CA ILE C 293 -22.53 35.79 17.00
C ILE C 293 -23.81 35.65 17.82
N ASP C 294 -24.92 35.39 17.15
CA ASP C 294 -26.21 35.25 17.80
C ASP C 294 -26.25 34.10 18.80
N ALA C 295 -25.38 33.12 18.60
CA ALA C 295 -25.30 31.97 19.49
C ALA C 295 -24.43 32.25 20.69
N ASN C 296 -23.97 33.50 20.80
CA ASN C 296 -23.09 33.93 21.87
C ASN C 296 -21.80 33.10 21.93
N LEU C 297 -21.18 32.91 20.77
CA LEU C 297 -19.98 32.09 20.66
C LEU C 297 -18.70 32.92 20.77
N ILE C 298 -18.83 34.22 20.56
CA ILE C 298 -17.66 35.10 20.52
C ILE C 298 -16.98 35.29 21.89
N PRO C 299 -17.74 35.57 22.97
CA PRO C 299 -17.04 35.73 24.25
C PRO C 299 -16.23 34.50 24.71
N PRO C 300 -16.75 33.26 24.58
CA PRO C 300 -15.86 32.17 25.00
C PRO C 300 -14.70 31.95 24.03
N LEU C 301 -14.86 32.37 22.77
CA LEU C 301 -13.77 32.27 21.81
C LEU C 301 -12.64 33.25 22.16
N VAL C 302 -13.02 34.48 22.50
CA VAL C 302 -12.06 35.52 22.85
C VAL C 302 -11.23 35.12 24.06
N LYS C 303 -11.89 34.55 25.07
CA LYS C 303 -11.21 34.14 26.29
C LYS C 303 -10.28 32.95 26.02
N LEU C 304 -10.72 32.04 25.16
CA LEU C 304 -9.88 30.93 24.74
C LEU C 304 -8.70 31.43 23.91
N LEU C 305 -8.93 32.46 23.11
CA LEU C 305 -7.88 33.08 22.32
C LEU C 305 -6.82 33.67 23.24
N GLU C 306 -7.23 34.03 24.45
CA GLU C 306 -6.37 34.72 25.39
C GLU C 306 -5.61 33.78 26.33
N VAL C 307 -6.27 32.71 26.80
CA VAL C 307 -5.70 31.90 27.87
C VAL C 307 -5.47 30.42 27.55
N ALA C 308 -6.16 29.89 26.55
CA ALA C 308 -6.10 28.46 26.27
C ALA C 308 -4.73 28.00 25.79
N GLU C 309 -4.53 26.69 25.71
CA GLU C 309 -3.30 26.14 25.17
C GLU C 309 -3.14 26.55 23.73
N TYR C 310 -1.90 26.60 23.25
CA TYR C 310 -1.61 27.19 21.94
C TYR C 310 -2.40 26.58 20.79
N LYS C 311 -2.46 25.26 20.74
CA LYS C 311 -3.12 24.57 19.63
C LYS C 311 -4.62 24.85 19.62
N THR C 312 -5.15 25.27 20.76
CA THR C 312 -6.54 25.71 20.84
C THR C 312 -6.64 27.19 20.48
N LYS C 313 -5.64 27.96 20.89
CA LYS C 313 -5.58 29.39 20.55
C LYS C 313 -5.58 29.62 19.05
N LYS C 314 -4.88 28.75 18.33
CA LYS C 314 -4.77 28.83 16.88
C LYS C 314 -6.14 28.84 16.20
N GLU C 315 -7.00 27.94 16.65
CA GLU C 315 -8.30 27.77 16.01
C GLU C 315 -9.27 28.88 16.39
N ALA C 316 -9.19 29.33 17.64
CA ALA C 316 -9.98 30.47 18.09
C ALA C 316 -9.60 31.72 17.31
N CYS C 317 -8.32 31.82 16.94
CA CYS C 317 -7.83 32.93 16.14
C CYS C 317 -8.42 32.86 14.72
N TRP C 318 -8.37 31.67 14.13
CA TRP C 318 -9.03 31.42 12.85
C TRP C 318 -10.48 31.86 12.89
N ALA C 319 -11.17 31.49 13.96
CA ALA C 319 -12.58 31.79 14.12
C ALA C 319 -12.87 33.28 14.12
N ILE C 320 -12.13 34.01 14.95
CA ILE C 320 -12.31 35.45 15.08
C ILE C 320 -11.87 36.18 13.82
N SER C 321 -10.75 35.74 13.24
CA SER C 321 -10.22 36.36 12.03
C SER C 321 -11.17 36.19 10.85
N ASN C 322 -11.68 34.98 10.67
CA ASN C 322 -12.65 34.72 9.61
C ASN C 322 -13.93 35.53 9.79
N ALA C 323 -14.30 35.75 11.05
CA ALA C 323 -15.48 36.55 11.37
C ALA C 323 -15.25 38.01 11.00
N SER C 324 -14.00 38.45 11.13
CA SER C 324 -13.65 39.84 10.83
C SER C 324 -13.78 40.13 9.34
N SER C 325 -13.70 39.08 8.53
CA SER C 325 -13.84 39.20 7.09
C SER C 325 -15.25 39.65 6.72
N GLY C 326 -16.19 39.44 7.62
CA GLY C 326 -17.57 39.85 7.40
C GLY C 326 -17.80 41.30 7.78
N GLY C 327 -16.74 41.97 8.22
CA GLY C 327 -16.83 43.35 8.64
C GLY C 327 -16.89 44.29 7.46
N LEU C 328 -16.36 43.82 6.34
CA LEU C 328 -16.39 44.61 5.10
C LEU C 328 -17.83 44.78 4.62
N GLN C 329 -18.63 43.72 4.75
CA GLN C 329 -20.02 43.72 4.32
C GLN C 329 -20.95 44.23 5.43
N ARG C 330 -20.66 43.83 6.66
CA ARG C 330 -21.46 44.25 7.81
C ARG C 330 -20.56 44.72 8.95
N PRO C 331 -20.26 46.03 8.97
CA PRO C 331 -19.29 46.65 9.89
C PRO C 331 -19.61 46.42 11.37
N ASP C 332 -20.87 46.19 11.71
CA ASP C 332 -21.23 45.97 13.10
C ASP C 332 -20.68 44.64 13.62
N ILE C 333 -20.29 43.76 12.72
CA ILE C 333 -19.62 42.52 13.09
C ILE C 333 -18.28 42.86 13.75
N ILE C 334 -17.51 43.73 13.10
CA ILE C 334 -16.24 44.19 13.65
C ILE C 334 -16.43 44.94 14.97
N ARG C 335 -17.39 45.85 14.99
CA ARG C 335 -17.63 46.68 16.16
C ARG C 335 -18.04 45.82 17.35
N TYR C 336 -18.74 44.73 17.08
CA TYR C 336 -19.08 43.77 18.11
C TYR C 336 -17.84 43.00 18.55
N LEU C 337 -17.01 42.61 17.58
CA LEU C 337 -15.80 41.86 17.87
C LEU C 337 -14.84 42.67 18.75
N VAL C 338 -14.61 43.92 18.37
CA VAL C 338 -13.76 44.81 19.14
C VAL C 338 -14.34 45.03 20.53
N SER C 339 -15.67 45.17 20.60
CA SER C 339 -16.36 45.40 21.86
C SER C 339 -16.20 44.24 22.83
N GLN C 340 -16.04 43.02 22.29
CA GLN C 340 -15.87 41.84 23.12
C GLN C 340 -14.40 41.61 23.49
N GLY C 341 -13.56 42.60 23.19
CA GLY C 341 -12.17 42.58 23.61
C GLY C 341 -11.28 41.58 22.90
N CYS C 342 -11.34 41.56 21.57
CA CYS C 342 -10.55 40.61 20.78
C CYS C 342 -9.19 41.18 20.37
N ILE C 343 -9.07 42.50 20.40
CA ILE C 343 -7.89 43.18 19.88
C ILE C 343 -6.61 42.78 20.61
N LYS C 344 -6.62 42.82 21.94
CA LYS C 344 -5.44 42.46 22.71
C LYS C 344 -5.03 40.98 22.59
N PRO C 345 -5.98 40.04 22.73
CA PRO C 345 -5.57 38.63 22.56
C PRO C 345 -5.00 38.35 21.17
N LEU C 346 -5.55 39.02 20.15
CA LEU C 346 -5.00 38.90 18.80
C LEU C 346 -3.58 39.41 18.75
N CYS C 347 -3.36 40.60 19.31
CA CYS C 347 -2.05 41.24 19.30
C CYS C 347 -1.00 40.43 20.06
N ASP C 348 -1.37 39.94 21.25
CA ASP C 348 -0.46 39.15 22.07
C ASP C 348 -0.02 37.87 21.38
N LEU C 349 -0.83 37.40 20.43
CA LEU C 349 -0.57 36.14 19.75
C LEU C 349 0.56 36.28 18.73
N LEU C 350 0.79 37.49 18.25
CA LEU C 350 1.80 37.75 17.22
C LEU C 350 3.23 37.40 17.63
N GLU C 351 3.48 37.34 18.94
CA GLU C 351 4.84 37.13 19.43
C GLU C 351 5.16 35.66 19.67
N ILE C 352 4.15 34.79 19.59
CA ILE C 352 4.34 33.38 19.91
C ILE C 352 3.89 32.45 18.79
N ALA C 353 3.07 32.97 17.89
CA ALA C 353 2.43 32.14 16.87
C ALA C 353 3.34 31.80 15.70
N ASP C 354 2.97 30.76 14.96
CA ASP C 354 3.69 30.36 13.75
C ASP C 354 3.37 31.34 12.62
N ASN C 355 4.11 31.22 11.52
CA ASN C 355 3.96 32.15 10.40
C ASN C 355 2.55 32.14 9.79
N ARG C 356 1.93 30.97 9.73
CA ARG C 356 0.58 30.88 9.18
C ARG C 356 -0.44 31.58 10.06
N ILE C 357 -0.31 31.41 11.38
CA ILE C 357 -1.23 32.01 12.34
C ILE C 357 -0.98 33.52 12.45
N ILE C 358 0.28 33.92 12.38
CA ILE C 358 0.65 35.33 12.37
C ILE C 358 -0.09 36.06 11.24
N GLU C 359 -0.23 35.39 10.10
CA GLU C 359 -0.89 35.94 8.92
C GLU C 359 -2.41 35.96 9.09
N VAL C 360 -2.95 34.89 9.69
CA VAL C 360 -4.37 34.86 10.05
C VAL C 360 -4.66 36.01 11.00
N THR C 361 -3.74 36.23 11.95
CA THR C 361 -3.87 37.29 12.93
C THR C 361 -3.76 38.68 12.30
N LEU C 362 -2.77 38.85 11.43
CA LEU C 362 -2.59 40.14 10.74
C LEU C 362 -3.77 40.44 9.83
N ASP C 363 -4.37 39.39 9.27
CA ASP C 363 -5.59 39.53 8.49
C ASP C 363 -6.72 40.08 9.34
N ALA C 364 -6.82 39.57 10.56
CA ALA C 364 -7.85 40.00 11.50
C ALA C 364 -7.65 41.46 11.87
N LEU C 365 -6.39 41.82 12.16
CA LEU C 365 -6.07 43.17 12.59
C LEU C 365 -6.27 44.21 11.49
N GLU C 366 -5.97 43.86 10.25
CA GLU C 366 -6.16 44.81 9.16
C GLU C 366 -7.65 45.03 8.89
N ASN C 367 -8.42 43.95 8.96
CA ASN C 367 -9.88 44.05 8.79
C ASN C 367 -10.49 44.97 9.84
N ILE C 368 -10.00 44.85 11.08
CA ILE C 368 -10.43 45.70 12.17
C ILE C 368 -10.00 47.14 11.91
N LEU C 369 -8.85 47.31 11.30
CA LEU C 369 -8.33 48.64 10.96
C LEU C 369 -9.08 49.27 9.81
N LYS C 370 -9.38 48.48 8.78
CA LYS C 370 -10.13 48.96 7.63
C LYS C 370 -11.50 49.48 8.06
N MET C 371 -12.15 48.73 8.93
CA MET C 371 -13.45 49.12 9.46
C MET C 371 -13.34 50.38 10.31
N GLY C 372 -12.29 50.46 11.12
CA GLY C 372 -12.06 51.61 11.97
C GLY C 372 -11.80 52.86 11.16
N GLU C 373 -11.18 52.68 9.99
CA GLU C 373 -10.91 53.80 9.09
C GLU C 373 -12.17 54.26 8.41
N ALA C 374 -12.99 53.31 7.97
CA ALA C 374 -14.24 53.61 7.30
C ALA C 374 -15.26 54.23 8.25
N ASP C 375 -15.14 53.96 9.54
CA ASP C 375 -16.10 54.41 10.55
C ASP C 375 -15.97 55.91 10.87
N LYS C 376 -15.19 56.62 10.05
CA LYS C 376 -15.01 58.06 10.19
C LYS C 376 -14.90 58.72 8.82
N ASN C 384 -8.49 56.89 14.16
CA ASN C 384 -8.98 55.52 14.06
C ASN C 384 -9.05 54.88 15.43
N GLU C 385 -10.27 54.73 15.96
CA GLU C 385 -10.48 54.11 17.27
C GLU C 385 -9.79 52.76 17.39
N ASN C 386 -10.00 51.92 16.38
CA ASN C 386 -9.40 50.59 16.36
C ASN C 386 -7.88 50.63 16.32
N ALA C 387 -7.33 51.57 15.56
CA ALA C 387 -5.88 51.77 15.54
C ALA C 387 -5.39 52.23 16.90
N ASP C 388 -6.21 53.04 17.57
CA ASP C 388 -5.88 53.52 18.90
C ASP C 388 -5.93 52.39 19.92
N PHE C 389 -6.96 51.54 19.80
CA PHE C 389 -7.09 50.37 20.65
C PHE C 389 -5.92 49.41 20.46
N ILE C 390 -5.50 49.23 19.21
CA ILE C 390 -4.40 48.33 18.89
C ILE C 390 -3.08 48.84 19.44
N GLU C 391 -2.85 50.15 19.35
CA GLU C 391 -1.63 50.75 19.89
C GLU C 391 -1.62 50.64 21.41
N LYS C 392 -2.76 50.95 22.03
CA LYS C 392 -2.88 50.88 23.48
C LYS C 392 -2.75 49.43 23.97
N ALA C 393 -3.12 48.48 23.14
CA ALA C 393 -3.02 47.07 23.50
C ALA C 393 -1.59 46.58 23.35
N GLY C 394 -0.73 47.45 22.83
CA GLY C 394 0.67 47.11 22.61
C GLY C 394 0.85 46.36 21.29
N GLY C 395 -0.18 46.38 20.46
CA GLY C 395 -0.19 45.66 19.21
C GLY C 395 0.51 46.35 18.06
N MET C 396 0.51 47.67 18.06
CA MET C 396 1.24 48.45 17.06
C MET C 396 2.70 48.05 17.07
N GLU C 397 3.23 47.85 18.27
CA GLU C 397 4.59 47.38 18.48
C GLU C 397 4.80 45.99 17.89
N LYS C 398 3.86 45.09 18.14
CA LYS C 398 3.95 43.71 17.66
C LYS C 398 3.93 43.65 16.14
N ILE C 399 3.00 44.39 15.54
CA ILE C 399 2.87 44.44 14.09
C ILE C 399 4.12 45.02 13.44
N PHE C 400 4.68 46.05 14.07
CA PHE C 400 5.92 46.65 13.62
C PHE C 400 7.04 45.62 13.59
N ASN C 401 7.13 44.84 14.66
CA ASN C 401 8.18 43.82 14.77
C ASN C 401 8.04 42.71 13.73
N CYS C 402 6.83 42.53 13.21
CA CYS C 402 6.59 41.51 12.19
C CYS C 402 7.29 41.87 10.89
N GLN C 403 7.72 43.12 10.76
CA GLN C 403 8.50 43.55 9.60
C GLN C 403 9.90 42.93 9.62
N GLN C 404 10.23 42.27 10.73
CA GLN C 404 11.53 41.61 10.87
C GLN C 404 11.44 40.14 10.45
N ASN C 405 10.25 39.71 10.04
CA ASN C 405 10.04 38.33 9.63
C ASN C 405 10.72 38.06 8.28
N GLU C 406 11.30 36.87 8.18
CA GLU C 406 12.04 36.47 6.99
C GLU C 406 11.10 36.16 5.82
N ASN C 407 9.89 35.71 6.14
CA ASN C 407 8.87 35.46 5.13
C ASN C 407 8.34 36.77 4.56
N ASP C 408 8.20 36.82 3.24
CA ASP C 408 7.87 38.06 2.54
C ASP C 408 6.42 38.51 2.72
N LYS C 409 5.49 37.56 2.69
CA LYS C 409 4.06 37.87 2.78
C LYS C 409 3.66 38.40 4.16
N ILE C 410 4.49 38.12 5.15
CA ILE C 410 4.29 38.65 6.49
C ILE C 410 4.88 40.05 6.57
N TYR C 411 6.06 40.21 5.99
CA TYR C 411 6.71 41.52 5.93
C TYR C 411 5.83 42.54 5.23
N GLU C 412 5.46 42.25 3.99
CA GLU C 412 4.68 43.15 3.17
C GLU C 412 3.38 43.56 3.86
N LYS C 413 2.72 42.58 4.48
CA LYS C 413 1.47 42.83 5.17
C LYS C 413 1.67 43.73 6.38
N ALA C 414 2.67 43.41 7.20
CA ALA C 414 2.96 44.20 8.38
C ALA C 414 3.37 45.62 8.01
N TYR C 415 4.13 45.75 6.93
CA TYR C 415 4.54 47.05 6.43
C TYR C 415 3.34 47.84 5.92
N LYS C 416 2.46 47.15 5.21
CA LYS C 416 1.24 47.76 4.68
C LYS C 416 0.38 48.31 5.81
N ILE C 417 0.27 47.53 6.88
CA ILE C 417 -0.51 47.92 8.05
C ILE C 417 0.08 49.15 8.75
N ILE C 418 1.40 49.11 8.95
CA ILE C 418 2.10 50.20 9.64
C ILE C 418 2.02 51.51 8.86
N GLU C 419 2.23 51.45 7.54
CA GLU C 419 2.25 52.65 6.73
C GLU C 419 0.86 53.24 6.52
N THR C 420 -0.14 52.38 6.42
CA THR C 420 -1.51 52.82 6.14
C THR C 420 -2.22 53.38 7.37
N TYR C 421 -2.05 52.73 8.52
CA TYR C 421 -2.84 53.08 9.71
C TYR C 421 -2.00 53.66 10.85
N PHE C 422 -0.68 53.65 10.68
CA PHE C 422 0.21 54.17 11.71
C PHE C 422 1.29 55.06 11.10
N ARG D 5 -11.52 31.70 4.00
CA ARG D 5 -11.36 30.37 3.42
C ARG D 5 -11.32 29.28 4.49
N LYS D 6 -11.76 28.08 4.12
CA LYS D 6 -11.78 26.95 5.05
C LYS D 6 -10.37 26.41 5.26
N HIS D 7 -10.18 25.66 6.35
CA HIS D 7 -8.89 25.06 6.64
C HIS D 7 -9.01 23.80 7.49
N LYS D 8 -8.08 22.87 7.28
CA LYS D 8 -7.98 21.68 8.13
C LYS D 8 -6.73 21.77 8.97
N PHE D 9 -6.85 21.42 10.24
CA PHE D 9 -5.71 21.47 11.15
C PHE D 9 -4.92 20.15 11.23
N ASP D 10 -5.55 19.03 10.87
CA ASP D 10 -5.04 17.72 11.25
C ASP D 10 -3.63 17.37 10.81
N THR D 11 -3.28 17.83 9.62
CA THR D 11 -1.94 17.70 9.01
C THR D 11 -1.59 16.22 8.72
N SER D 12 -2.03 15.29 9.56
CA SER D 12 -1.23 14.08 9.86
C SER D 12 -1.73 12.72 9.36
N THR D 13 -1.17 12.30 8.23
CA THR D 13 -1.49 11.02 7.64
C THR D 13 -0.63 9.96 8.30
N TRP D 14 -1.12 9.29 9.35
CA TRP D 14 -0.37 8.18 9.95
C TRP D 14 -1.23 7.03 10.46
N ALA D 15 -0.88 5.86 9.94
CA ALA D 15 -1.63 4.62 10.09
C ALA D 15 -1.21 3.85 11.32
N LEU D 16 -1.63 4.33 12.48
CA LEU D 16 -1.47 3.57 13.71
C LEU D 16 -2.26 2.28 13.57
N PRO D 17 -1.68 1.17 14.02
CA PRO D 17 -2.40 -0.11 13.96
C PRO D 17 -3.63 -0.12 14.86
N ASN D 18 -4.78 -0.46 14.29
CA ASN D 18 -6.02 -0.60 15.05
C ASN D 18 -6.45 -2.07 15.08
N LYS D 19 -5.88 -2.82 16.02
CA LYS D 19 -6.14 -4.25 16.09
C LYS D 19 -6.73 -4.66 17.44
N ARG D 20 -7.48 -5.76 17.43
CA ARG D 20 -8.09 -6.27 18.65
C ARG D 20 -7.94 -7.78 18.75
N ARG D 21 -7.37 -8.25 19.86
CA ARG D 21 -7.27 -9.68 20.12
C ARG D 21 -8.45 -10.14 20.96
N ARG D 22 -8.94 -11.35 20.70
CA ARG D 22 -10.04 -11.89 21.49
C ARG D 22 -9.51 -12.80 22.59
N ILE D 23 -9.74 -12.40 23.84
CA ILE D 23 -9.21 -13.11 24.98
C ILE D 23 -10.32 -13.80 25.79
#